data_8SAD
#
_entry.id   8SAD
#
_cell.length_a   87.589
_cell.length_b   130.211
_cell.length_c   82.534
_cell.angle_alpha   90.00
_cell.angle_beta   104.31
_cell.angle_gamma   90.00
#
_symmetry.space_group_name_H-M   'C 1 2 1'
#
loop_
_entity.id
_entity.type
_entity.pdbx_description
1 polymer 'Cystathionine beta-lyase'
2 non-polymer "PYRIDOXAL-5'-PHOSPHATE"
3 non-polymer 'MALONATE ION'
4 non-polymer 'MAGNESIUM ION'
5 non-polymer 'CHLORIDE ION'
6 non-polymer (4S)-2-METHYL-2,4-PENTANEDIOL
7 non-polymer 'PHOSPHATE ION'
8 water water
#
_entity_poly.entity_id   1
_entity_poly.type   'polypeptide(L)'
_entity_poly.pdbx_seq_one_letter_code
;MAHHHHHHMADKHLDTALVNAGRRKKYTQGSVNSVIQRASSLVFDTVEAKKHATRNRAKGELFYGRRGTLTHFSLQEAMC
ELEGGAGCALFPCGAAAVANTILAFVEQGDHVLMTNTAYEPSQDFCTKILAKLGVTTGWFDPLIGADIANLIQPNTKVVF
LESPGSITMEVHDVPAIVAAVRRVAPEAIIMIDNTWAAGVLFKALDFGIDISIQAATKYLIGHSDGMIGTAVANARCWEQ
LCENAYLMGQMIDADTAYMTSRGLRTLGVRLRQHHESSLRVAEWLAQHPQVARVNHPALPGSKGHEFWKRDFSGSSGLFS
FVLNKRLTDAELAAYLDNFSLFSMAYSWGGFESLILANQPEHIAAIRPEAEVDFSGTLIRLHIGLENVDDLLADLAAGFA
RIV
;
_entity_poly.pdbx_strand_id   A,B
#
loop_
_chem_comp.id
_chem_comp.type
_chem_comp.name
_chem_comp.formula
CL non-polymer 'CHLORIDE ION' 'Cl -1'
MG non-polymer 'MAGNESIUM ION' 'Mg 2'
MLI non-polymer 'MALONATE ION' 'C3 H2 O4 -2'
MPD non-polymer (4S)-2-METHYL-2,4-PENTANEDIOL 'C6 H14 O2'
PLP non-polymer PYRIDOXAL-5'-PHOSPHATE 'C8 H10 N O6 P'
PO4 non-polymer 'PHOSPHATE ION' 'O4 P -3'
#
# COMPACT_ATOMS: atom_id res chain seq x y z
N HIS A 6 4.81 -24.00 -2.93
CA HIS A 6 5.46 -25.22 -2.39
C HIS A 6 6.88 -25.39 -2.90
N HIS A 7 7.33 -24.48 -3.76
CA HIS A 7 8.66 -24.59 -4.34
C HIS A 7 9.19 -23.18 -4.63
N HIS A 8 10.24 -23.11 -5.47
CA HIS A 8 10.99 -21.88 -5.65
C HIS A 8 10.32 -20.87 -6.58
N MET A 9 9.22 -21.24 -7.25
CA MET A 9 8.53 -20.37 -8.18
C MET A 9 7.15 -20.05 -7.62
N ALA A 10 6.86 -18.77 -7.45
CA ALA A 10 5.54 -18.37 -6.99
C ALA A 10 4.49 -18.73 -8.04
N ASP A 11 3.25 -18.83 -7.60
CA ASP A 11 2.17 -19.05 -8.54
C ASP A 11 2.15 -17.92 -9.56
N LYS A 12 1.98 -18.28 -10.84
CA LYS A 12 1.89 -17.30 -11.91
C LYS A 12 0.67 -16.40 -11.77
N HIS A 13 -0.17 -16.66 -10.78
CA HIS A 13 -1.37 -15.87 -10.55
C HIS A 13 -1.38 -15.20 -9.19
N LEU A 14 -0.28 -15.21 -8.45
CA LEU A 14 -0.32 -14.72 -7.07
C LEU A 14 -0.71 -13.24 -7.02
N ASP A 15 -0.18 -12.41 -7.93
CA ASP A 15 -0.53 -11.00 -7.89
C ASP A 15 -2.01 -10.78 -8.16
N THR A 16 -2.58 -11.55 -9.10
CA THR A 16 -4.01 -11.48 -9.34
C THR A 16 -4.79 -11.93 -8.10
N ALA A 17 -4.33 -13.00 -7.45
CA ALA A 17 -5.01 -13.46 -6.25
C ALA A 17 -4.94 -12.43 -5.12
N LEU A 18 -3.80 -11.76 -4.97
CA LEU A 18 -3.69 -10.75 -3.92
C LEU A 18 -4.66 -9.60 -4.15
N VAL A 19 -4.85 -9.22 -5.42
CA VAL A 19 -5.79 -8.14 -5.73
C VAL A 19 -7.23 -8.56 -5.50
N ASN A 20 -7.57 -9.83 -5.73
CA ASN A 20 -8.97 -10.26 -5.74
C ASN A 20 -9.41 -11.05 -4.51
N ALA A 21 -8.50 -11.55 -3.69
CA ALA A 21 -8.88 -12.46 -2.61
C ALA A 21 -9.86 -11.80 -1.65
N GLY A 22 -10.94 -12.51 -1.35
CA GLY A 22 -11.94 -12.03 -0.43
C GLY A 22 -12.94 -11.05 -0.98
N ARG A 23 -12.78 -10.57 -2.22
CA ARG A 23 -13.62 -9.48 -2.73
C ARG A 23 -14.81 -10.04 -3.51
N ARG A 24 -15.78 -10.56 -2.77
CA ARG A 24 -17.03 -11.07 -3.32
C ARG A 24 -18.10 -10.01 -3.15
N LYS A 25 -19.07 -10.01 -4.06
CA LYS A 25 -20.13 -9.01 -4.03
C LYS A 25 -20.86 -8.98 -2.69
N LYS A 26 -21.04 -10.13 -2.05
CA LYS A 26 -21.77 -10.08 -0.79
C LYS A 26 -21.06 -9.24 0.26
N TYR A 27 -19.74 -9.09 0.16
CA TYR A 27 -18.99 -8.28 1.10
C TYR A 27 -18.70 -6.87 0.60
N THR A 28 -18.59 -6.68 -0.70
CA THR A 28 -18.24 -5.37 -1.24
C THR A 28 -19.47 -4.51 -1.53
N GLN A 29 -20.59 -5.13 -1.87
CA GLN A 29 -21.85 -4.42 -2.07
C GLN A 29 -21.70 -3.27 -3.07
N GLY A 30 -20.80 -3.42 -4.04
CA GLY A 30 -20.65 -2.47 -5.10
C GLY A 30 -19.34 -1.69 -5.08
N SER A 31 -18.70 -1.58 -3.94
CA SER A 31 -17.39 -0.94 -3.91
C SER A 31 -16.30 -1.94 -4.29
N VAL A 32 -15.09 -1.42 -4.51
CA VAL A 32 -13.97 -2.29 -4.81
C VAL A 32 -13.60 -3.12 -3.58
N ASN A 33 -13.54 -2.46 -2.43
CA ASN A 33 -13.16 -3.09 -1.17
C ASN A 33 -14.41 -3.52 -0.41
N SER A 34 -14.22 -4.44 0.52
N SER A 34 -14.20 -4.41 0.56
CA SER A 34 -15.34 -4.82 1.37
CA SER A 34 -15.30 -4.84 1.42
C SER A 34 -15.87 -3.61 2.13
C SER A 34 -15.82 -3.68 2.25
N VAL A 35 -17.14 -3.67 2.50
CA VAL A 35 -17.68 -2.69 3.40
C VAL A 35 -17.05 -2.91 4.78
N ILE A 36 -17.10 -1.86 5.60
N ILE A 36 -17.06 -1.85 5.59
CA ILE A 36 -16.70 -1.95 7.00
CA ILE A 36 -16.72 -1.93 7.00
C ILE A 36 -18.00 -1.99 7.80
C ILE A 36 -18.03 -2.00 7.76
N GLN A 37 -18.30 -3.15 8.35
CA GLN A 37 -19.52 -3.35 9.12
C GLN A 37 -19.08 -3.45 10.58
N ARG A 38 -19.37 -2.42 11.35
CA ARG A 38 -19.01 -2.36 12.76
C ARG A 38 -20.22 -2.84 13.54
N ALA A 39 -20.02 -3.87 14.37
CA ALA A 39 -21.16 -4.41 15.09
C ALA A 39 -20.74 -5.30 16.25
N SER A 40 -21.48 -5.19 17.36
CA SER A 40 -21.63 -6.27 18.33
C SER A 40 -22.94 -6.98 17.99
N SER A 41 -24.06 -6.32 18.24
N SER A 41 -24.06 -6.29 18.18
CA SER A 41 -25.36 -6.86 17.88
CA SER A 41 -25.36 -6.90 17.92
C SER A 41 -25.49 -7.06 16.38
C SER A 41 -25.63 -7.00 16.42
N LEU A 42 -26.01 -8.21 15.97
CA LEU A 42 -26.44 -8.47 14.61
C LEU A 42 -27.90 -8.90 14.68
N VAL A 43 -28.75 -8.28 13.86
CA VAL A 43 -30.18 -8.33 14.06
C VAL A 43 -30.80 -9.47 13.27
N PHE A 44 -31.68 -10.23 13.93
CA PHE A 44 -32.42 -11.30 13.28
C PHE A 44 -33.85 -10.83 13.01
N ASP A 45 -34.31 -11.01 11.77
CA ASP A 45 -35.65 -10.54 11.43
C ASP A 45 -36.74 -11.41 12.05
N THR A 46 -36.46 -12.69 12.24
CA THR A 46 -37.43 -13.65 12.72
C THR A 46 -36.71 -14.72 13.53
N VAL A 47 -37.51 -15.49 14.27
CA VAL A 47 -36.97 -16.63 15.00
C VAL A 47 -36.29 -17.61 14.03
N GLU A 48 -36.92 -17.86 12.88
CA GLU A 48 -36.31 -18.77 11.92
C GLU A 48 -34.95 -18.25 11.45
N ALA A 49 -34.84 -16.94 11.22
CA ALA A 49 -33.55 -16.39 10.81
C ALA A 49 -32.51 -16.55 11.91
N LYS A 50 -32.93 -16.35 13.16
CA LYS A 50 -32.00 -16.53 14.28
C LYS A 50 -31.52 -17.97 14.38
N LYS A 51 -32.43 -18.94 14.23
CA LYS A 51 -32.03 -20.35 14.28
C LYS A 51 -31.06 -20.67 13.15
N HIS A 52 -31.31 -20.16 11.95
CA HIS A 52 -30.41 -20.41 10.84
C HIS A 52 -29.04 -19.78 11.09
N ALA A 53 -29.03 -18.55 11.61
CA ALA A 53 -27.75 -17.90 11.90
C ALA A 53 -26.99 -18.66 12.96
N THR A 54 -27.70 -19.16 13.98
CA THR A 54 -27.03 -19.92 15.03
C THR A 54 -26.34 -21.16 14.48
N ARG A 55 -27.04 -21.91 13.63
N ARG A 55 -27.03 -21.90 13.61
CA ARG A 55 -26.44 -23.11 13.04
CA ARG A 55 -26.47 -23.11 13.02
C ARG A 55 -25.20 -22.77 12.24
C ARG A 55 -25.26 -22.81 12.15
N ASN A 56 -25.17 -21.60 11.61
CA ASN A 56 -24.11 -21.20 10.70
C ASN A 56 -23.22 -20.12 11.28
N ARG A 57 -23.15 -20.04 12.61
CA ARG A 57 -22.45 -18.92 13.22
C ARG A 57 -20.93 -18.97 13.06
N ALA A 58 -20.38 -20.11 12.66
CA ALA A 58 -18.96 -20.21 12.37
C ALA A 58 -18.71 -20.39 10.87
N LYS A 59 -19.77 -20.23 10.06
CA LYS A 59 -19.73 -20.52 8.63
C LYS A 59 -20.13 -19.31 7.80
N GLY A 60 -19.91 -18.10 8.32
CA GLY A 60 -20.07 -16.91 7.51
C GLY A 60 -21.48 -16.39 7.39
N GLU A 61 -22.39 -16.76 8.29
CA GLU A 61 -23.68 -16.12 8.40
C GLU A 61 -23.64 -15.16 9.59
N LEU A 62 -24.16 -13.95 9.41
CA LEU A 62 -24.12 -12.97 10.48
C LEU A 62 -24.89 -13.46 11.71
N PHE A 63 -24.23 -13.39 12.86
CA PHE A 63 -24.77 -13.94 14.09
C PHE A 63 -24.41 -13.05 15.29
N TYR A 64 -23.14 -12.73 15.46
CA TYR A 64 -22.71 -11.94 16.61
C TYR A 64 -21.34 -11.37 16.30
N GLY A 65 -21.10 -10.14 16.76
CA GLY A 65 -19.89 -9.45 16.35
C GLY A 65 -18.60 -10.17 16.71
N ARG A 66 -18.61 -10.97 17.77
N ARG A 66 -18.62 -10.98 17.78
CA ARG A 66 -17.40 -11.70 18.12
CA ARG A 66 -17.44 -11.73 18.19
C ARG A 66 -17.08 -12.79 17.10
C ARG A 66 -17.12 -12.89 17.25
N ARG A 67 -18.11 -13.35 16.46
CA ARG A 67 -17.89 -14.32 15.40
C ARG A 67 -17.47 -13.64 14.11
N GLY A 68 -17.82 -12.37 13.95
CA GLY A 68 -17.44 -11.58 12.79
C GLY A 68 -18.58 -10.87 12.11
N THR A 69 -18.26 -9.83 11.36
CA THR A 69 -19.21 -9.18 10.47
C THR A 69 -18.76 -9.47 9.03
N LEU A 70 -19.44 -8.87 8.06
CA LEU A 70 -19.05 -9.06 6.67
C LEU A 70 -17.58 -8.75 6.44
N THR A 71 -17.04 -7.75 7.15
CA THR A 71 -15.65 -7.36 6.97
C THR A 71 -14.70 -8.46 7.38
N HIS A 72 -14.99 -9.11 8.51
CA HIS A 72 -14.15 -10.22 8.94
C HIS A 72 -14.27 -11.39 7.99
N PHE A 73 -15.49 -11.70 7.54
CA PHE A 73 -15.68 -12.85 6.67
C PHE A 73 -14.86 -12.66 5.39
N SER A 74 -14.86 -11.45 4.85
CA SER A 74 -14.09 -11.16 3.65
C SER A 74 -12.61 -11.41 3.87
N LEU A 75 -12.06 -10.90 4.98
CA LEU A 75 -10.65 -11.16 5.28
C LEU A 75 -10.37 -12.64 5.47
N GLN A 76 -11.25 -13.34 6.20
CA GLN A 76 -11.05 -14.76 6.43
C GLN A 76 -11.02 -15.51 5.12
N GLU A 77 -11.94 -15.20 4.21
CA GLU A 77 -11.91 -15.85 2.89
C GLU A 77 -10.62 -15.54 2.16
N ALA A 78 -10.16 -14.29 2.22
CA ALA A 78 -8.92 -13.93 1.55
C ALA A 78 -7.74 -14.73 2.11
N MET A 79 -7.65 -14.84 3.43
CA MET A 79 -6.51 -15.55 4.03
C MET A 79 -6.57 -17.04 3.71
N CYS A 80 -7.77 -17.63 3.73
CA CYS A 80 -7.88 -19.04 3.39
C CYS A 80 -7.50 -19.30 1.95
N GLU A 81 -7.89 -18.41 1.03
CA GLU A 81 -7.50 -18.57 -0.36
C GLU A 81 -5.98 -18.47 -0.51
N LEU A 82 -5.38 -17.45 0.12
CA LEU A 82 -3.96 -17.18 -0.13
C LEU A 82 -3.06 -18.20 0.55
N GLU A 83 -3.45 -18.69 1.73
CA GLU A 83 -2.65 -19.67 2.46
C GLU A 83 -3.18 -21.09 2.31
N GLY A 84 -4.25 -21.29 1.56
CA GLY A 84 -4.70 -22.64 1.25
C GLY A 84 -5.29 -23.39 2.42
N GLY A 85 -6.04 -22.70 3.28
CA GLY A 85 -6.57 -23.29 4.48
C GLY A 85 -8.09 -23.43 4.47
N ALA A 86 -8.58 -24.10 5.50
CA ALA A 86 -10.00 -24.32 5.68
C ALA A 86 -10.65 -23.23 6.53
N GLY A 87 -9.88 -22.57 7.38
CA GLY A 87 -10.40 -21.46 8.16
C GLY A 87 -9.28 -20.60 8.65
N CYS A 88 -9.63 -19.36 9.00
CA CYS A 88 -8.68 -18.37 9.49
C CYS A 88 -9.24 -17.75 10.76
N ALA A 89 -8.54 -17.91 11.87
CA ALA A 89 -8.90 -17.24 13.12
C ALA A 89 -8.15 -15.92 13.19
N LEU A 90 -8.81 -14.93 13.80
CA LEU A 90 -8.30 -13.57 13.89
C LEU A 90 -8.10 -13.19 15.36
N PHE A 91 -7.07 -12.40 15.60
CA PHE A 91 -6.58 -12.09 16.93
C PHE A 91 -6.14 -10.64 17.02
N PRO A 92 -6.04 -10.10 18.23
CA PRO A 92 -5.64 -8.68 18.37
C PRO A 92 -4.24 -8.38 17.93
N CYS A 93 -3.35 -9.38 17.86
CA CYS A 93 -1.98 -9.18 17.43
C CYS A 93 -1.36 -10.55 17.22
N GLY A 94 -0.13 -10.53 16.70
CA GLY A 94 0.59 -11.78 16.48
C GLY A 94 0.82 -12.58 17.75
N ALA A 95 1.18 -11.90 18.84
CA ALA A 95 1.45 -12.63 20.08
C ALA A 95 0.20 -13.33 20.58
N ALA A 96 -0.97 -12.70 20.39
CA ALA A 96 -2.20 -13.36 20.79
C ALA A 96 -2.48 -14.56 19.89
N ALA A 97 -2.18 -14.43 18.59
CA ALA A 97 -2.36 -15.56 17.68
C ALA A 97 -1.50 -16.74 18.11
N VAL A 98 -0.24 -16.49 18.44
CA VAL A 98 0.65 -17.59 18.82
C VAL A 98 0.17 -18.23 20.11
N ALA A 99 -0.06 -17.40 21.14
CA ALA A 99 -0.43 -17.91 22.46
C ALA A 99 -1.72 -18.70 22.38
N ASN A 100 -2.73 -18.15 21.72
CA ASN A 100 -4.03 -18.80 21.72
C ASN A 100 -4.11 -19.95 20.75
N THR A 101 -3.31 -19.96 19.69
CA THR A 101 -3.29 -21.11 18.80
C THR A 101 -2.61 -22.30 19.48
N ILE A 102 -1.48 -22.07 20.15
CA ILE A 102 -0.87 -23.15 20.91
C ILE A 102 -1.84 -23.64 21.99
N LEU A 103 -2.42 -22.71 22.74
CA LEU A 103 -3.29 -23.09 23.85
C LEU A 103 -4.47 -23.93 23.37
N ALA A 104 -4.95 -23.64 22.17
CA ALA A 104 -6.10 -24.36 21.64
C ALA A 104 -5.85 -25.85 21.49
N PHE A 105 -4.59 -26.27 21.43
CA PHE A 105 -4.26 -27.66 21.12
C PHE A 105 -3.55 -28.39 22.24
N VAL A 106 -3.47 -27.79 23.43
CA VAL A 106 -2.78 -28.42 24.54
C VAL A 106 -3.67 -28.48 25.77
N GLU A 107 -3.31 -29.38 26.67
CA GLU A 107 -3.93 -29.50 27.98
C GLU A 107 -2.88 -30.04 28.93
N GLN A 108 -3.20 -30.05 30.22
CA GLN A 108 -2.27 -30.56 31.22
C GLN A 108 -1.69 -31.90 30.77
N GLY A 109 -0.37 -32.04 30.91
CA GLY A 109 0.33 -33.27 30.59
C GLY A 109 0.94 -33.30 29.20
N ASP A 110 0.61 -32.33 28.36
CA ASP A 110 1.14 -32.29 27.01
C ASP A 110 2.53 -31.64 26.99
N HIS A 111 3.21 -31.82 25.86
CA HIS A 111 4.55 -31.31 25.61
C HIS A 111 4.54 -30.60 24.27
N VAL A 112 5.21 -29.45 24.24
CA VAL A 112 5.41 -28.65 23.04
C VAL A 112 6.89 -28.69 22.70
N LEU A 113 7.20 -28.85 21.42
N LEU A 113 7.19 -28.97 21.43
CA LEU A 113 8.59 -28.85 20.93
CA LEU A 113 8.54 -28.81 20.90
C LEU A 113 8.73 -27.65 20.01
C LEU A 113 8.57 -27.51 20.12
N MET A 114 9.51 -26.65 20.45
CA MET A 114 9.62 -25.36 19.78
C MET A 114 11.05 -25.07 19.35
N THR A 115 11.20 -24.47 18.17
CA THR A 115 12.53 -24.06 17.74
C THR A 115 13.12 -23.03 18.71
N ASN A 116 14.41 -23.15 18.98
CA ASN A 116 15.05 -22.24 19.93
C ASN A 116 15.27 -20.85 19.36
N THR A 117 14.96 -20.64 18.08
CA THR A 117 14.98 -19.34 17.44
C THR A 117 13.61 -18.71 17.35
N ALA A 118 12.64 -19.25 18.08
CA ALA A 118 11.31 -18.65 18.08
C ALA A 118 11.35 -17.23 18.63
N TYR A 119 10.47 -16.39 18.10
CA TYR A 119 10.23 -15.06 18.63
C TYR A 119 10.10 -15.08 20.14
N GLU A 120 10.79 -14.16 20.80
CA GLU A 120 10.87 -14.20 22.25
C GLU A 120 9.51 -14.23 22.95
N PRO A 121 8.52 -13.42 22.59
CA PRO A 121 7.19 -13.56 23.23
C PRO A 121 6.58 -14.95 23.11
N SER A 122 6.86 -15.66 22.01
CA SER A 122 6.37 -17.03 21.86
C SER A 122 7.02 -17.93 22.89
N GLN A 123 8.34 -17.79 23.07
CA GLN A 123 9.04 -18.56 24.09
C GLN A 123 8.49 -18.24 25.47
N ASP A 124 8.28 -16.94 25.75
CA ASP A 124 7.83 -16.51 27.07
C ASP A 124 6.41 -17.02 27.37
N PHE A 125 5.55 -17.07 26.36
CA PHE A 125 4.26 -17.71 26.56
C PHE A 125 4.43 -19.16 27.04
N CYS A 126 5.35 -19.90 26.42
CA CYS A 126 5.54 -21.29 26.81
C CYS A 126 6.11 -21.41 28.22
N THR A 127 7.15 -20.63 28.54
CA THR A 127 7.82 -20.85 29.82
C THR A 127 7.06 -20.21 30.98
N LYS A 128 6.33 -19.12 30.72
CA LYS A 128 5.71 -18.36 31.79
C LYS A 128 4.21 -18.60 31.92
N ILE A 129 3.53 -19.04 30.86
CA ILE A 129 2.11 -19.36 30.92
C ILE A 129 1.86 -20.86 30.85
N LEU A 130 2.35 -21.52 29.80
CA LEU A 130 2.04 -22.95 29.64
C LEU A 130 2.55 -23.78 30.81
N ALA A 131 3.75 -23.47 31.31
CA ALA A 131 4.36 -24.33 32.33
C ALA A 131 3.49 -24.43 33.57
N LYS A 132 2.92 -23.30 34.01
CA LYS A 132 2.12 -23.31 35.24
C LYS A 132 0.77 -23.98 35.02
N LEU A 133 0.41 -24.26 33.78
CA LEU A 133 -0.80 -24.96 33.42
C LEU A 133 -0.54 -26.42 33.07
N GLY A 134 0.65 -26.91 33.36
CA GLY A 134 0.93 -28.32 33.20
C GLY A 134 1.39 -28.74 31.83
N VAL A 135 1.84 -27.81 31.01
CA VAL A 135 2.31 -28.10 29.66
C VAL A 135 3.80 -27.79 29.61
N THR A 136 4.60 -28.77 29.24
CA THR A 136 6.05 -28.61 29.17
C THR A 136 6.48 -28.23 27.76
N THR A 137 7.66 -27.61 27.67
CA THR A 137 8.23 -27.18 26.40
C THR A 137 9.68 -27.62 26.30
N GLY A 138 10.00 -28.28 25.20
CA GLY A 138 11.36 -28.60 24.82
C GLY A 138 11.73 -27.82 23.57
N TRP A 139 13.03 -27.84 23.27
CA TRP A 139 13.63 -26.92 22.31
C TRP A 139 14.49 -27.68 21.31
N PHE A 140 14.61 -27.12 20.11
CA PHE A 140 15.45 -27.71 19.09
C PHE A 140 16.18 -26.65 18.27
N ASP A 141 17.38 -27.00 17.83
CA ASP A 141 18.14 -26.16 16.92
C ASP A 141 17.42 -26.08 15.59
N PRO A 142 17.40 -24.90 14.95
CA PRO A 142 16.60 -24.74 13.73
C PRO A 142 17.06 -25.60 12.56
N LEU A 143 18.33 -26.03 12.54
CA LEU A 143 18.85 -26.87 11.48
C LEU A 143 18.82 -28.34 11.84
N ILE A 144 18.01 -28.72 12.82
CA ILE A 144 17.98 -30.12 13.26
C ILE A 144 17.48 -31.06 12.16
N GLY A 145 16.58 -30.59 11.29
CA GLY A 145 16.11 -31.45 10.22
C GLY A 145 15.52 -32.74 10.73
N ALA A 146 15.88 -33.84 10.05
CA ALA A 146 15.29 -35.15 10.36
C ALA A 146 15.59 -35.60 11.78
N ASP A 147 16.61 -35.05 12.41
CA ASP A 147 16.96 -35.51 13.75
C ASP A 147 15.96 -35.05 14.81
N ILE A 148 14.97 -34.23 14.45
CA ILE A 148 13.95 -33.87 15.41
C ILE A 148 13.19 -35.11 15.88
N ALA A 149 13.21 -36.19 15.10
CA ALA A 149 12.51 -37.40 15.51
C ALA A 149 12.95 -37.86 16.89
N ASN A 150 14.23 -37.67 17.23
CA ASN A 150 14.73 -38.14 18.51
C ASN A 150 14.27 -37.29 19.68
N LEU A 151 13.65 -36.15 19.43
CA LEU A 151 13.18 -35.27 20.48
C LEU A 151 11.68 -35.42 20.75
N ILE A 152 10.97 -36.16 19.93
CA ILE A 152 9.53 -36.31 20.08
C ILE A 152 9.25 -37.27 21.23
N GLN A 153 8.49 -36.80 22.21
CA GLN A 153 8.15 -37.56 23.40
C GLN A 153 6.78 -38.18 23.26
N PRO A 154 6.45 -39.16 24.09
CA PRO A 154 5.10 -39.74 24.04
C PRO A 154 4.00 -38.73 24.22
N ASN A 155 4.26 -37.63 24.93
CA ASN A 155 3.25 -36.61 25.18
C ASN A 155 3.43 -35.37 24.30
N THR A 156 4.32 -35.41 23.31
CA THR A 156 4.47 -34.27 22.42
C THR A 156 3.22 -34.11 21.57
N LYS A 157 2.60 -32.95 21.66
CA LYS A 157 1.36 -32.66 20.96
C LYS A 157 1.51 -31.62 19.87
N VAL A 158 2.43 -30.67 20.06
CA VAL A 158 2.61 -29.54 19.16
C VAL A 158 4.10 -29.44 18.81
N VAL A 159 4.39 -29.25 17.54
CA VAL A 159 5.73 -28.90 17.07
C VAL A 159 5.61 -27.53 16.45
N PHE A 160 6.38 -26.57 16.97
CA PHE A 160 6.27 -25.18 16.59
C PHE A 160 7.54 -24.72 15.88
N LEU A 161 7.36 -24.34 14.62
CA LEU A 161 8.42 -23.93 13.72
C LEU A 161 8.37 -22.41 13.53
N GLU A 162 9.53 -21.84 13.19
CA GLU A 162 9.58 -20.44 12.79
C GLU A 162 10.72 -20.32 11.81
N SER A 163 10.39 -20.09 10.54
CA SER A 163 11.39 -20.13 9.49
C SER A 163 11.15 -18.97 8.55
N PRO A 164 12.11 -18.06 8.38
CA PRO A 164 13.38 -17.96 9.11
C PRO A 164 13.15 -17.66 10.58
N GLY A 165 14.18 -17.95 11.36
CA GLY A 165 14.13 -17.71 12.78
C GLY A 165 14.15 -16.23 13.11
N SER A 166 13.62 -15.90 14.29
N SER A 166 13.69 -15.92 14.31
CA SER A 166 13.68 -14.52 14.74
CA SER A 166 13.72 -14.55 14.79
C SER A 166 15.12 -14.08 14.97
C SER A 166 15.15 -14.08 14.99
N ILE A 167 15.41 -12.86 14.54
CA ILE A 167 16.68 -12.17 14.72
C ILE A 167 17.83 -12.76 13.92
N THR A 168 18.14 -14.04 14.13
CA THR A 168 19.29 -14.66 13.51
C THR A 168 19.01 -15.34 12.18
N MET A 169 17.74 -15.51 11.82
CA MET A 169 17.27 -15.74 10.45
C MET A 169 17.54 -17.14 9.91
N GLU A 170 17.82 -18.13 10.77
CA GLU A 170 18.07 -19.49 10.29
C GLU A 170 16.81 -20.06 9.65
N VAL A 171 16.97 -20.71 8.50
CA VAL A 171 15.85 -21.31 7.78
C VAL A 171 15.81 -22.80 8.07
N HIS A 172 14.64 -23.28 8.48
CA HIS A 172 14.47 -24.70 8.70
C HIS A 172 14.47 -25.46 7.37
N ASP A 173 14.77 -26.76 7.45
CA ASP A 173 14.46 -27.72 6.39
C ASP A 173 13.08 -28.30 6.72
N VAL A 174 12.03 -27.58 6.33
CA VAL A 174 10.68 -28.00 6.72
C VAL A 174 10.35 -29.39 6.19
N PRO A 175 10.63 -29.73 4.93
CA PRO A 175 10.31 -31.10 4.48
C PRO A 175 10.94 -32.16 5.36
N ALA A 176 12.19 -31.99 5.78
CA ALA A 176 12.83 -33.00 6.62
C ALA A 176 12.20 -33.05 8.00
N ILE A 177 11.88 -31.89 8.58
CA ILE A 177 11.27 -31.85 9.90
C ILE A 177 9.89 -32.49 9.87
N VAL A 178 9.06 -32.08 8.91
CA VAL A 178 7.70 -32.60 8.83
C VAL A 178 7.71 -34.10 8.62
N ALA A 179 8.56 -34.60 7.71
CA ALA A 179 8.60 -36.03 7.48
C ALA A 179 8.99 -36.79 8.74
N ALA A 180 9.94 -36.26 9.51
CA ALA A 180 10.36 -36.94 10.73
C ALA A 180 9.27 -36.91 11.78
N VAL A 181 8.60 -35.77 11.95
CA VAL A 181 7.50 -35.69 12.91
C VAL A 181 6.41 -36.69 12.55
N ARG A 182 6.05 -36.73 11.26
CA ARG A 182 4.95 -37.60 10.84
C ARG A 182 5.31 -39.08 11.01
N ARG A 183 6.59 -39.44 10.87
N ARG A 183 6.59 -39.44 10.91
CA ARG A 183 7.00 -40.83 11.10
CA ARG A 183 6.98 -40.83 11.11
C ARG A 183 6.72 -41.25 12.54
C ARG A 183 6.75 -41.28 12.54
N VAL A 184 7.04 -40.39 13.50
CA VAL A 184 6.91 -40.74 14.92
C VAL A 184 5.51 -40.47 15.45
N ALA A 185 4.99 -39.28 15.17
CA ALA A 185 3.75 -38.77 15.77
C ALA A 185 2.89 -38.24 14.64
N PRO A 186 2.25 -39.14 13.88
CA PRO A 186 1.53 -38.71 12.68
C PRO A 186 0.46 -37.66 12.94
N GLU A 187 -0.14 -37.64 14.14
CA GLU A 187 -1.25 -36.74 14.43
C GLU A 187 -0.84 -35.52 15.24
N ALA A 188 0.46 -35.32 15.46
CA ALA A 188 0.91 -34.09 16.08
C ALA A 188 0.40 -32.88 15.32
N ILE A 189 0.29 -31.76 16.02
CA ILE A 189 -0.12 -30.49 15.43
C ILE A 189 1.15 -29.71 15.13
N ILE A 190 1.45 -29.54 13.85
CA ILE A 190 2.64 -28.80 13.42
C ILE A 190 2.20 -27.39 13.06
N MET A 191 2.83 -26.39 13.68
CA MET A 191 2.48 -25.00 13.50
C MET A 191 3.72 -24.25 13.08
N ILE A 192 3.53 -23.13 12.37
CA ILE A 192 4.65 -22.29 11.99
C ILE A 192 4.26 -20.83 12.18
N ASP A 193 5.20 -20.03 12.68
CA ASP A 193 5.10 -18.58 12.61
C ASP A 193 5.69 -18.18 11.26
N ASN A 194 4.81 -17.83 10.32
CA ASN A 194 5.12 -17.59 8.92
C ASN A 194 5.07 -16.09 8.59
N THR A 195 5.30 -15.24 9.60
CA THR A 195 5.23 -13.80 9.41
C THR A 195 6.25 -13.28 8.40
N TRP A 196 7.49 -13.76 8.47
CA TRP A 196 8.53 -13.22 7.58
C TRP A 196 8.15 -13.40 6.12
N ALA A 197 7.53 -14.53 5.78
CA ALA A 197 7.12 -14.81 4.42
C ALA A 197 5.78 -14.20 4.08
N ALA A 198 5.13 -13.53 5.05
CA ALA A 198 3.81 -12.94 4.87
C ALA A 198 2.78 -14.00 4.46
N GLY A 199 3.01 -15.26 4.81
CA GLY A 199 2.15 -16.35 4.42
C GLY A 199 2.17 -16.74 2.97
N VAL A 200 2.85 -15.98 2.11
CA VAL A 200 2.76 -16.20 0.67
C VAL A 200 4.10 -16.57 0.04
N LEU A 201 5.23 -16.21 0.65
CA LEU A 201 6.51 -16.62 0.12
C LEU A 201 6.88 -18.03 0.51
N PHE A 202 6.19 -18.60 1.49
CA PHE A 202 6.40 -19.99 1.91
C PHE A 202 5.00 -20.53 2.15
N LYS A 203 4.56 -21.50 1.34
CA LYS A 203 3.19 -22.01 1.39
C LYS A 203 3.14 -23.14 2.40
N ALA A 204 3.09 -22.76 3.67
CA ALA A 204 3.29 -23.70 4.77
C ALA A 204 2.35 -24.91 4.71
N LEU A 205 1.07 -24.68 4.39
N LEU A 205 1.06 -24.68 4.42
CA LEU A 205 0.09 -25.76 4.42
CA LEU A 205 0.14 -25.82 4.48
C LEU A 205 0.23 -26.73 3.26
C LEU A 205 0.42 -26.83 3.36
N ASP A 206 1.03 -26.38 2.25
CA ASP A 206 1.39 -27.32 1.19
C ASP A 206 2.54 -28.22 1.61
N PHE A 207 3.25 -27.88 2.69
CA PHE A 207 4.35 -28.68 3.19
C PHE A 207 3.93 -29.64 4.31
N GLY A 208 2.65 -29.71 4.63
CA GLY A 208 2.19 -30.61 5.66
C GLY A 208 2.18 -30.01 7.04
N ILE A 209 2.44 -28.71 7.16
CA ILE A 209 2.18 -27.99 8.39
C ILE A 209 0.68 -27.82 8.54
N ASP A 210 0.19 -27.90 9.76
CA ASP A 210 -1.26 -27.83 10.00
C ASP A 210 -1.79 -26.42 10.13
N ILE A 211 -1.01 -25.50 10.71
CA ILE A 211 -1.48 -24.15 10.99
C ILE A 211 -0.36 -23.17 10.70
N SER A 212 -0.68 -22.14 9.94
CA SER A 212 0.23 -21.05 9.61
C SER A 212 -0.23 -19.80 10.33
N ILE A 213 0.61 -19.29 11.22
CA ILE A 213 0.30 -18.15 12.06
C ILE A 213 1.10 -16.95 11.56
N GLN A 214 0.46 -15.78 11.56
CA GLN A 214 1.16 -14.56 11.24
C GLN A 214 0.85 -13.45 12.21
N ALA A 215 1.87 -12.63 12.46
CA ALA A 215 1.69 -11.25 12.94
C ALA A 215 1.36 -10.44 11.71
N ALA A 216 0.07 -10.36 11.39
CA ALA A 216 -0.38 -9.62 10.22
C ALA A 216 -0.04 -8.15 10.36
N THR A 217 0.19 -7.69 11.58
CA THR A 217 0.83 -6.43 11.92
C THR A 217 1.97 -6.04 11.00
N LYS A 218 2.75 -7.01 10.59
CA LYS A 218 4.00 -6.77 9.85
C LYS A 218 3.67 -6.56 8.37
N TYR A 219 3.90 -7.54 7.51
CA TYR A 219 3.78 -7.24 6.08
C TYR A 219 2.34 -7.15 5.58
N LEU A 220 1.38 -7.82 6.19
CA LEU A 220 0.02 -7.73 5.65
C LEU A 220 -0.52 -6.32 5.82
N ILE A 221 -0.45 -5.76 7.03
CA ILE A 221 -0.79 -4.35 7.23
C ILE A 221 0.15 -3.46 6.43
N GLY A 222 1.45 -3.67 6.58
CA GLY A 222 2.45 -3.10 5.70
C GLY A 222 2.82 -1.65 5.93
N HIS A 223 2.24 -1.00 6.94
CA HIS A 223 2.45 0.43 7.13
C HIS A 223 2.73 0.81 8.57
N SER A 224 3.02 -0.15 9.44
CA SER A 224 3.45 0.10 10.80
C SER A 224 2.37 0.72 11.68
N ASP A 225 1.08 0.62 11.30
N ASP A 225 1.11 0.69 11.26
CA ASP A 225 0.01 1.36 11.96
CA ASP A 225 0.06 1.23 12.10
C ASP A 225 -1.22 0.51 12.29
C ASP A 225 -0.74 0.12 12.79
N GLY A 226 -1.06 -0.78 12.40
N GLY A 226 -1.48 -0.69 12.04
CA GLY A 226 -2.19 -1.60 12.75
CA GLY A 226 -2.34 -1.66 12.67
C GLY A 226 -1.68 -2.93 13.24
C GLY A 226 -1.60 -2.79 13.37
N MET A 227 -2.31 -3.48 14.27
CA MET A 227 -1.86 -4.72 14.88
C MET A 227 -2.98 -5.75 14.76
N ILE A 228 -2.59 -6.97 14.40
CA ILE A 228 -3.54 -8.06 14.12
C ILE A 228 -2.77 -9.35 13.98
N GLY A 229 -3.33 -10.44 14.50
CA GLY A 229 -2.81 -11.77 14.27
C GLY A 229 -3.79 -12.61 13.47
N THR A 230 -3.24 -13.55 12.70
CA THR A 230 -4.02 -14.51 11.95
C THR A 230 -3.48 -15.90 12.18
N ALA A 231 -4.35 -16.89 12.04
CA ALA A 231 -3.93 -18.29 12.06
C ALA A 231 -4.80 -19.04 11.07
N VAL A 232 -4.18 -19.56 10.03
CA VAL A 232 -4.88 -20.30 8.98
C VAL A 232 -4.62 -21.79 9.20
N ALA A 233 -5.71 -22.54 9.37
CA ALA A 233 -5.62 -23.96 9.70
C ALA A 233 -6.16 -24.82 8.57
N ASN A 234 -5.61 -26.04 8.46
CA ASN A 234 -6.18 -27.04 7.57
C ASN A 234 -7.50 -27.57 8.12
N ALA A 235 -8.14 -28.42 7.31
CA ALA A 235 -9.46 -28.92 7.68
C ALA A 235 -9.42 -29.76 8.94
N ARG A 236 -8.33 -30.51 9.15
CA ARG A 236 -8.22 -31.35 10.34
C ARG A 236 -8.26 -30.53 11.62
N CYS A 237 -7.63 -29.36 11.62
CA CYS A 237 -7.42 -28.60 12.85
C CYS A 237 -8.32 -27.39 12.99
N TRP A 238 -9.11 -27.04 11.96
CA TRP A 238 -9.80 -25.75 11.98
C TRP A 238 -10.82 -25.64 13.12
N GLU A 239 -11.70 -26.63 13.27
CA GLU A 239 -12.78 -26.46 14.25
C GLU A 239 -12.23 -26.31 15.66
N GLN A 240 -11.20 -27.08 16.01
CA GLN A 240 -10.64 -26.95 17.35
C GLN A 240 -10.00 -25.58 17.55
N LEU A 241 -9.29 -25.09 16.53
CA LEU A 241 -8.70 -23.77 16.64
C LEU A 241 -9.77 -22.71 16.79
N CYS A 242 -10.76 -22.77 15.91
CA CYS A 242 -11.82 -21.76 15.89
C CYS A 242 -12.54 -21.70 17.23
N GLU A 243 -12.96 -22.85 17.74
CA GLU A 243 -13.81 -22.84 18.92
C GLU A 243 -13.02 -22.50 20.18
N ASN A 244 -11.77 -22.92 20.26
N ASN A 244 -11.76 -22.91 20.24
CA ASN A 244 -10.97 -22.63 21.46
CA ASN A 244 -10.97 -22.61 21.43
C ASN A 244 -10.47 -21.19 21.48
C ASN A 244 -10.54 -21.15 21.46
N ALA A 245 -10.14 -20.62 20.31
CA ALA A 245 -9.84 -19.19 20.24
C ALA A 245 -11.07 -18.38 20.61
N TYR A 246 -12.25 -18.82 20.16
CA TYR A 246 -13.49 -18.12 20.47
C TYR A 246 -13.78 -18.15 21.97
N LEU A 247 -13.50 -19.28 22.63
CA LEU A 247 -13.71 -19.36 24.08
C LEU A 247 -12.78 -18.43 24.86
N MET A 248 -11.63 -18.07 24.29
CA MET A 248 -10.75 -17.07 24.89
C MET A 248 -11.07 -15.65 24.43
N GLY A 249 -12.17 -15.46 23.71
CA GLY A 249 -12.60 -14.14 23.30
C GLY A 249 -11.74 -13.52 22.24
N GLN A 250 -11.04 -14.31 21.43
CA GLN A 250 -10.09 -13.72 20.49
C GLN A 250 -10.81 -13.29 19.22
N MET A 251 -10.57 -12.03 18.84
CA MET A 251 -11.10 -11.42 17.64
C MET A 251 -10.26 -10.20 17.33
N ILE A 252 -10.53 -9.59 16.17
CA ILE A 252 -9.97 -8.29 15.78
C ILE A 252 -11.13 -7.38 15.43
N ASP A 253 -10.91 -6.08 15.56
CA ASP A 253 -11.95 -5.13 15.17
C ASP A 253 -12.13 -5.12 13.65
N ALA A 254 -13.35 -4.77 13.23
CA ALA A 254 -13.69 -4.71 11.81
C ALA A 254 -12.77 -3.78 11.03
N ASP A 255 -12.41 -2.62 11.59
CA ASP A 255 -11.60 -1.68 10.81
C ASP A 255 -10.20 -2.24 10.54
N THR A 256 -9.58 -2.87 11.54
CA THR A 256 -8.27 -3.47 11.30
C THR A 256 -8.39 -4.62 10.32
N ALA A 257 -9.48 -5.38 10.38
CA ALA A 257 -9.71 -6.42 9.38
C ALA A 257 -9.74 -5.82 7.98
N TYR A 258 -10.47 -4.72 7.81
CA TYR A 258 -10.49 -4.03 6.53
C TYR A 258 -9.10 -3.60 6.09
N MET A 259 -8.31 -3.05 7.02
N MET A 259 -8.32 -3.05 7.03
CA MET A 259 -6.98 -2.58 6.65
CA MET A 259 -6.98 -2.57 6.69
C MET A 259 -6.04 -3.73 6.31
C MET A 259 -6.05 -3.71 6.32
N THR A 260 -6.27 -4.91 6.87
CA THR A 260 -5.46 -6.07 6.51
C THR A 260 -5.79 -6.53 5.11
N SER A 261 -7.09 -6.65 4.80
CA SER A 261 -7.48 -6.96 3.42
C SER A 261 -6.87 -5.96 2.45
N ARG A 262 -6.90 -4.68 2.82
CA ARG A 262 -6.39 -3.63 1.95
C ARG A 262 -4.89 -3.77 1.77
N GLY A 263 -4.19 -4.15 2.85
CA GLY A 263 -2.76 -4.37 2.74
C GLY A 263 -2.39 -5.46 1.76
N LEU A 264 -3.21 -6.51 1.68
CA LEU A 264 -2.93 -7.60 0.76
C LEU A 264 -2.74 -7.09 -0.66
N ARG A 265 -3.46 -6.03 -1.02
CA ARG A 265 -3.53 -5.63 -2.42
C ARG A 265 -2.19 -5.12 -2.93
N THR A 266 -1.37 -4.53 -2.06
CA THR A 266 -0.05 -4.05 -2.43
C THR A 266 1.05 -4.98 -1.95
N LEU A 267 0.69 -6.13 -1.38
CA LEU A 267 1.72 -7.00 -0.80
C LEU A 267 2.72 -7.47 -1.86
N GLY A 268 2.25 -7.70 -3.09
CA GLY A 268 3.16 -8.16 -4.13
C GLY A 268 4.18 -7.11 -4.51
N VAL A 269 3.72 -5.89 -4.79
CA VAL A 269 4.66 -4.84 -5.16
C VAL A 269 5.57 -4.49 -3.99
N ARG A 270 5.06 -4.55 -2.77
CA ARG A 270 5.91 -4.25 -1.62
C ARG A 270 6.98 -5.33 -1.44
N LEU A 271 6.57 -6.60 -1.39
CA LEU A 271 7.55 -7.66 -1.18
C LEU A 271 8.62 -7.67 -2.27
N ARG A 272 8.25 -7.43 -3.53
CA ARG A 272 9.27 -7.44 -4.58
C ARG A 272 10.32 -6.37 -4.31
N GLN A 273 9.89 -5.21 -3.81
CA GLN A 273 10.85 -4.16 -3.49
C GLN A 273 11.68 -4.52 -2.26
N HIS A 274 11.04 -5.06 -1.22
CA HIS A 274 11.80 -5.44 -0.04
C HIS A 274 12.83 -6.52 -0.37
N HIS A 275 12.47 -7.45 -1.25
CA HIS A 275 13.41 -8.49 -1.68
C HIS A 275 14.58 -7.88 -2.43
N GLU A 276 14.29 -7.10 -3.47
N GLU A 276 14.29 -7.06 -3.44
CA GLU A 276 15.35 -6.52 -4.28
CA GLU A 276 15.34 -6.52 -4.29
C GLU A 276 16.30 -5.70 -3.41
C GLU A 276 16.29 -5.63 -3.48
N SER A 277 15.73 -4.80 -2.59
CA SER A 277 16.56 -3.90 -1.81
C SER A 277 17.33 -4.63 -0.73
N SER A 278 16.66 -5.54 0.00
CA SER A 278 17.36 -6.20 1.10
C SER A 278 18.45 -7.12 0.60
N LEU A 279 18.23 -7.79 -0.54
CA LEU A 279 19.29 -8.64 -1.09
C LEU A 279 20.49 -7.80 -1.53
N ARG A 280 20.24 -6.66 -2.16
CA ARG A 280 21.33 -5.75 -2.52
C ARG A 280 22.10 -5.31 -1.27
N VAL A 281 21.40 -4.90 -0.21
CA VAL A 281 22.09 -4.46 0.99
C VAL A 281 22.88 -5.63 1.59
N ALA A 282 22.29 -6.82 1.62
CA ALA A 282 22.97 -7.97 2.16
C ALA A 282 24.24 -8.29 1.38
N GLU A 283 24.16 -8.24 0.05
CA GLU A 283 25.32 -8.55 -0.77
C GLU A 283 26.43 -7.54 -0.53
N TRP A 284 26.06 -6.27 -0.34
CA TRP A 284 27.03 -5.23 -0.04
C TRP A 284 27.65 -5.44 1.33
N LEU A 285 26.83 -5.72 2.34
CA LEU A 285 27.37 -5.96 3.68
C LEU A 285 28.31 -7.15 3.68
N ALA A 286 28.00 -8.19 2.89
CA ALA A 286 28.83 -9.39 2.87
C ALA A 286 30.24 -9.09 2.39
N GLN A 287 30.40 -8.05 1.58
CA GLN A 287 31.71 -7.67 1.08
C GLN A 287 32.41 -6.66 1.99
N HIS A 288 31.76 -6.24 3.06
CA HIS A 288 32.27 -5.10 3.81
C HIS A 288 33.26 -5.56 4.88
N PRO A 289 34.40 -4.85 5.03
CA PRO A 289 35.41 -5.30 6.01
C PRO A 289 34.97 -5.20 7.45
N GLN A 290 33.95 -4.41 7.77
CA GLN A 290 33.49 -4.28 9.14
C GLN A 290 32.38 -5.26 9.48
N VAL A 291 32.06 -6.18 8.57
CA VAL A 291 30.99 -7.16 8.76
C VAL A 291 31.59 -8.54 8.81
N ALA A 292 31.28 -9.29 9.88
CA ALA A 292 31.77 -10.65 10.05
C ALA A 292 30.89 -11.70 9.39
N ARG A 293 29.57 -11.48 9.42
N ARG A 293 29.57 -11.53 9.46
N ARG A 293 29.57 -11.50 9.42
CA ARG A 293 28.58 -12.45 8.97
CA ARG A 293 28.67 -12.45 8.78
CA ARG A 293 28.62 -12.47 8.91
C ARG A 293 27.34 -11.68 8.54
C ARG A 293 27.33 -11.77 8.57
C ARG A 293 27.31 -11.76 8.58
N VAL A 294 26.67 -12.17 7.49
CA VAL A 294 25.35 -11.65 7.11
C VAL A 294 24.35 -12.80 7.21
N ASN A 295 23.28 -12.58 7.96
CA ASN A 295 22.20 -13.56 8.11
C ASN A 295 21.02 -13.08 7.27
N HIS A 296 20.99 -13.46 6.00
CA HIS A 296 19.87 -13.14 5.13
C HIS A 296 19.51 -14.44 4.42
N PRO A 297 18.26 -14.92 4.54
CA PRO A 297 17.91 -16.20 3.91
C PRO A 297 18.24 -16.30 2.44
N ALA A 298 18.14 -15.19 1.70
CA ALA A 298 18.40 -15.20 0.27
C ALA A 298 19.89 -15.13 -0.07
N LEU A 299 20.76 -14.87 0.92
CA LEU A 299 22.17 -14.72 0.61
C LEU A 299 22.87 -16.07 0.71
N PRO A 300 23.60 -16.48 -0.33
CA PRO A 300 24.39 -17.72 -0.23
C PRO A 300 25.27 -17.70 1.01
N GLY A 301 25.40 -18.87 1.64
CA GLY A 301 26.19 -18.99 2.85
C GLY A 301 25.44 -18.81 4.14
N SER A 302 24.29 -18.15 4.10
N SER A 302 24.29 -18.14 4.11
CA SER A 302 23.49 -17.96 5.31
CA SER A 302 23.48 -17.97 5.30
C SER A 302 22.85 -19.28 5.73
C SER A 302 22.91 -19.31 5.74
N LYS A 303 22.62 -19.42 7.04
CA LYS A 303 22.16 -20.70 7.58
C LYS A 303 20.80 -21.10 7.03
N GLY A 304 20.75 -22.26 6.38
CA GLY A 304 19.55 -22.72 5.74
C GLY A 304 19.23 -22.08 4.42
N HIS A 305 20.16 -21.32 3.84
CA HIS A 305 19.88 -20.66 2.56
C HIS A 305 19.40 -21.65 1.51
N GLU A 306 19.98 -22.85 1.46
N GLU A 306 20.00 -22.84 1.48
CA GLU A 306 19.57 -23.77 0.41
CA GLU A 306 19.63 -23.85 0.49
C GLU A 306 18.13 -24.21 0.57
C GLU A 306 18.14 -24.17 0.59
N PHE A 307 17.61 -24.23 1.81
CA PHE A 307 16.18 -24.54 2.01
C PHE A 307 15.32 -23.34 1.60
N TRP A 308 15.78 -22.12 1.87
CA TRP A 308 15.05 -20.96 1.36
C TRP A 308 14.97 -21.00 -0.16
N LYS A 309 16.08 -21.28 -0.82
CA LYS A 309 16.06 -21.26 -2.28
C LYS A 309 15.14 -22.34 -2.82
N ARG A 310 15.10 -23.50 -2.18
CA ARG A 310 14.26 -24.60 -2.66
C ARG A 310 12.79 -24.37 -2.35
N ASP A 311 12.47 -23.86 -1.15
CA ASP A 311 11.13 -23.94 -0.61
C ASP A 311 10.35 -22.63 -0.61
N PHE A 312 11.01 -21.50 -0.83
CA PHE A 312 10.35 -20.20 -0.83
C PHE A 312 10.33 -19.65 -2.24
N SER A 313 9.40 -18.74 -2.51
CA SER A 313 9.30 -18.09 -3.81
C SER A 313 9.87 -16.69 -3.81
N GLY A 314 10.40 -16.23 -2.68
CA GLY A 314 11.03 -14.94 -2.62
C GLY A 314 11.41 -14.62 -1.20
N SER A 315 11.86 -13.38 -1.00
CA SER A 315 12.30 -12.87 0.28
C SER A 315 11.53 -11.61 0.65
N SER A 316 11.43 -11.35 1.94
CA SER A 316 10.97 -10.07 2.43
C SER A 316 12.21 -9.22 2.76
N GLY A 317 12.07 -8.23 3.64
CA GLY A 317 13.11 -7.23 3.85
C GLY A 317 13.82 -7.26 5.18
N LEU A 318 13.54 -8.23 6.04
CA LEU A 318 14.13 -8.30 7.37
C LEU A 318 15.30 -9.26 7.38
N PHE A 319 16.44 -8.84 7.93
CA PHE A 319 17.61 -9.71 8.06
C PHE A 319 18.53 -9.11 9.10
N SER A 320 19.65 -9.78 9.37
CA SER A 320 20.60 -9.26 10.33
C SER A 320 22.02 -9.50 9.85
N PHE A 321 22.97 -8.85 10.52
CA PHE A 321 24.38 -9.07 10.27
C PHE A 321 25.15 -8.88 11.57
N VAL A 322 26.34 -9.46 11.62
CA VAL A 322 27.21 -9.40 12.80
C VAL A 322 28.40 -8.52 12.45
N LEU A 323 28.67 -7.54 13.29
CA LEU A 323 29.81 -6.66 13.10
C LEU A 323 31.12 -7.39 13.40
N ASN A 324 32.22 -6.83 12.88
CA ASN A 324 33.54 -7.43 13.10
C ASN A 324 34.04 -7.26 14.53
N LYS A 325 33.27 -6.62 15.41
CA LYS A 325 33.69 -6.46 16.79
C LYS A 325 32.47 -6.27 17.67
N ARG A 326 32.70 -6.39 18.97
CA ARG A 326 31.70 -6.10 19.98
C ARG A 326 31.76 -4.60 20.28
N LEU A 327 30.69 -3.88 19.98
CA LEU A 327 30.66 -2.46 20.26
C LEU A 327 30.58 -2.19 21.76
N THR A 328 31.28 -1.16 22.19
CA THR A 328 31.09 -0.63 23.53
C THR A 328 29.78 0.15 23.58
N ASP A 329 29.36 0.50 24.80
CA ASP A 329 28.15 1.29 24.93
C ASP A 329 28.29 2.64 24.22
N ALA A 330 29.47 3.25 24.31
CA ALA A 330 29.69 4.51 23.62
C ALA A 330 29.57 4.33 22.11
N GLU A 331 30.15 3.25 21.58
CA GLU A 331 30.07 2.99 20.15
C GLU A 331 28.64 2.68 19.71
N LEU A 332 27.90 1.93 20.54
CA LEU A 332 26.51 1.66 20.19
C LEU A 332 25.71 2.95 20.04
N ALA A 333 25.92 3.89 20.96
CA ALA A 333 25.22 5.17 20.87
C ALA A 333 25.67 5.96 19.64
N ALA A 334 26.99 6.03 19.42
CA ALA A 334 27.48 6.75 18.25
C ALA A 334 26.91 6.17 16.97
N TYR A 335 26.83 4.84 16.90
CA TYR A 335 26.30 4.16 15.72
C TYR A 335 24.81 4.43 15.58
N LEU A 336 24.01 4.01 16.57
CA LEU A 336 22.57 3.98 16.42
C LEU A 336 21.92 5.36 16.49
N ASP A 337 22.47 6.27 17.30
CA ASP A 337 21.78 7.53 17.54
C ASP A 337 21.81 8.45 16.33
N ASN A 338 22.69 8.18 15.37
CA ASN A 338 23.00 9.16 14.33
C ASN A 338 22.64 8.71 12.93
N PHE A 339 21.83 7.67 12.78
CA PHE A 339 21.30 7.32 11.47
C PHE A 339 20.31 8.38 10.99
N SER A 340 20.28 8.59 9.68
CA SER A 340 19.40 9.57 9.07
C SER A 340 18.12 8.96 8.53
N LEU A 341 18.17 7.74 8.04
CA LEU A 341 17.03 7.10 7.40
C LEU A 341 16.53 5.88 8.16
N PHE A 342 17.44 5.03 8.64
CA PHE A 342 17.05 3.93 9.51
C PHE A 342 16.62 4.50 10.86
N SER A 343 15.50 4.02 11.37
CA SER A 343 14.98 4.44 12.67
C SER A 343 15.04 3.29 13.66
N MET A 344 15.31 3.60 14.92
N MET A 344 15.32 3.62 14.92
CA MET A 344 15.29 2.60 15.98
CA MET A 344 15.27 2.63 16.00
C MET A 344 13.85 2.39 16.46
C MET A 344 13.82 2.41 16.40
N ALA A 345 13.36 1.16 16.32
CA ALA A 345 12.03 0.81 16.79
C ALA A 345 11.93 -0.70 16.75
N TYR A 346 10.99 -1.23 17.53
CA TYR A 346 10.59 -2.62 17.37
C TYR A 346 9.59 -2.76 16.23
N SER A 347 9.26 -4.00 15.92
CA SER A 347 8.45 -4.38 14.76
C SER A 347 9.22 -4.19 13.46
N TRP A 348 8.54 -4.45 12.35
CA TRP A 348 9.12 -4.47 11.01
C TRP A 348 7.98 -4.75 10.04
N GLY A 349 8.27 -4.80 8.75
CA GLY A 349 7.26 -5.10 7.76
C GLY A 349 6.59 -3.91 7.14
N GLY A 350 7.00 -2.69 7.49
CA GLY A 350 6.40 -1.50 6.97
C GLY A 350 7.17 -0.90 5.82
N PHE A 351 6.86 0.35 5.50
CA PHE A 351 7.52 1.05 4.40
C PHE A 351 8.83 1.69 4.81
N GLU A 352 9.07 1.86 6.12
CA GLU A 352 10.27 2.52 6.61
C GLU A 352 11.31 1.49 7.03
N SER A 353 12.58 1.86 6.83
CA SER A 353 13.70 1.04 7.26
C SER A 353 13.96 1.24 8.75
N LEU A 354 14.29 0.14 9.43
CA LEU A 354 14.48 0.15 10.88
C LEU A 354 15.76 -0.57 11.25
N ILE A 355 16.27 -0.25 12.44
CA ILE A 355 17.53 -0.82 12.91
C ILE A 355 17.44 -1.08 14.41
N LEU A 356 17.99 -2.21 14.83
CA LEU A 356 18.15 -2.52 16.24
C LEU A 356 19.44 -3.30 16.42
N ALA A 357 19.93 -3.33 17.65
CA ALA A 357 21.17 -4.01 17.97
C ALA A 357 20.97 -4.92 19.17
N ASN A 358 21.77 -5.99 19.21
CA ASN A 358 21.76 -6.93 20.32
C ASN A 358 23.20 -7.41 20.49
N GLN A 359 23.64 -7.54 21.74
CA GLN A 359 24.93 -8.17 22.00
C GLN A 359 24.76 -9.69 22.01
N PRO A 360 25.86 -10.43 21.76
CA PRO A 360 25.71 -11.89 21.65
C PRO A 360 25.07 -12.53 22.87
N GLU A 361 25.44 -12.10 24.07
CA GLU A 361 24.90 -12.75 25.26
C GLU A 361 23.41 -12.48 25.42
N HIS A 362 22.92 -11.35 24.88
CA HIS A 362 21.49 -11.10 24.89
C HIS A 362 20.76 -12.12 24.03
N ILE A 363 21.30 -12.43 22.86
CA ILE A 363 20.70 -13.44 22.01
C ILE A 363 20.80 -14.81 22.66
N ALA A 364 21.97 -15.13 23.25
CA ALA A 364 22.13 -16.41 23.91
C ALA A 364 21.06 -16.61 24.98
N ALA A 365 20.69 -15.53 25.68
CA ALA A 365 19.69 -15.63 26.74
C ALA A 365 18.32 -16.00 26.20
N ILE A 366 18.07 -15.78 24.90
CA ILE A 366 16.80 -16.18 24.29
C ILE A 366 17.01 -17.31 23.28
N ARG A 367 18.05 -18.12 23.50
CA ARG A 367 18.29 -19.35 22.75
C ARG A 367 18.30 -20.48 23.78
N PRO A 368 17.13 -20.99 24.16
CA PRO A 368 17.07 -21.97 25.24
C PRO A 368 17.91 -23.20 24.93
N GLU A 369 18.71 -23.60 25.91
CA GLU A 369 19.56 -24.78 25.85
C GLU A 369 20.60 -24.70 24.75
N ALA A 370 20.95 -23.47 24.36
CA ALA A 370 21.92 -23.25 23.30
C ALA A 370 22.78 -22.04 23.62
N GLU A 371 23.93 -21.99 22.97
CA GLU A 371 24.79 -20.82 22.95
C GLU A 371 24.82 -20.27 21.52
N VAL A 372 25.34 -19.06 21.38
CA VAL A 372 25.48 -18.44 20.09
C VAL A 372 26.90 -18.71 19.59
N ASP A 373 27.07 -18.60 18.28
CA ASP A 373 28.35 -18.91 17.64
C ASP A 373 29.02 -17.68 17.06
N PHE A 374 28.74 -16.51 17.62
CA PHE A 374 29.37 -15.27 17.20
C PHE A 374 29.66 -14.42 18.42
N SER A 375 30.60 -13.50 18.27
CA SER A 375 31.00 -12.62 19.36
C SER A 375 30.84 -11.14 19.05
N GLY A 376 30.59 -10.77 17.80
CA GLY A 376 30.36 -9.37 17.49
C GLY A 376 28.94 -8.94 17.81
N THR A 377 28.75 -7.63 17.84
CA THR A 377 27.41 -7.07 18.00
C THR A 377 26.56 -7.40 16.78
N LEU A 378 25.34 -7.84 17.02
CA LEU A 378 24.40 -8.17 15.96
C LEU A 378 23.49 -6.97 15.68
N ILE A 379 23.31 -6.67 14.40
CA ILE A 379 22.46 -5.58 13.95
C ILE A 379 21.35 -6.20 13.13
N ARG A 380 20.10 -5.90 13.47
CA ARG A 380 18.97 -6.34 12.67
C ARG A 380 18.43 -5.16 11.89
N LEU A 381 18.28 -5.34 10.57
CA LEU A 381 17.79 -4.30 9.69
C LEU A 381 16.44 -4.72 9.13
N HIS A 382 15.49 -3.79 9.09
CA HIS A 382 14.36 -3.92 8.19
C HIS A 382 14.58 -2.96 7.03
N ILE A 383 14.58 -3.49 5.80
CA ILE A 383 14.80 -2.68 4.60
C ILE A 383 13.44 -2.30 4.04
N GLY A 384 13.11 -1.01 4.14
CA GLY A 384 11.86 -0.48 3.63
C GLY A 384 11.93 -0.12 2.17
N LEU A 385 11.15 0.89 1.79
CA LEU A 385 10.91 1.25 0.41
C LEU A 385 11.71 2.47 -0.05
N GLU A 386 12.63 2.95 0.78
CA GLU A 386 13.48 4.07 0.40
C GLU A 386 14.44 3.66 -0.73
N ASN A 387 15.03 4.67 -1.36
N ASN A 387 15.02 4.66 -1.38
CA ASN A 387 16.03 4.39 -2.37
CA ASN A 387 16.00 4.36 -2.41
C ASN A 387 17.18 3.61 -1.75
C ASN A 387 17.19 3.64 -1.79
N VAL A 388 17.53 2.48 -2.35
CA VAL A 388 18.52 1.60 -1.72
C VAL A 388 19.88 2.28 -1.61
N ASP A 389 20.25 3.10 -2.59
CA ASP A 389 21.53 3.79 -2.51
C ASP A 389 21.57 4.76 -1.33
N ASP A 390 20.44 5.38 -0.98
CA ASP A 390 20.41 6.22 0.22
C ASP A 390 20.57 5.37 1.48
N LEU A 391 19.95 4.19 1.51
CA LEU A 391 20.12 3.31 2.66
C LEU A 391 21.57 2.86 2.80
N LEU A 392 22.21 2.54 1.67
CA LEU A 392 23.62 2.16 1.71
C LEU A 392 24.48 3.30 2.24
N ALA A 393 24.21 4.54 1.80
CA ALA A 393 24.98 5.67 2.30
C ALA A 393 24.79 5.84 3.80
N ASP A 394 23.57 5.61 4.29
CA ASP A 394 23.31 5.70 5.73
C ASP A 394 24.10 4.64 6.48
N LEU A 395 24.10 3.40 5.99
CA LEU A 395 24.89 2.36 6.64
C LEU A 395 26.38 2.68 6.58
N ALA A 396 26.86 3.19 5.44
CA ALA A 396 28.27 3.54 5.33
C ALA A 396 28.66 4.61 6.34
N ALA A 397 27.80 5.62 6.53
CA ALA A 397 28.10 6.63 7.53
C ALA A 397 28.13 6.01 8.92
N GLY A 398 27.26 5.04 9.17
CA GLY A 398 27.31 4.33 10.44
C GLY A 398 28.62 3.61 10.65
N PHE A 399 29.09 2.90 9.62
CA PHE A 399 30.37 2.22 9.74
C PHE A 399 31.50 3.19 10.06
N ALA A 400 31.47 4.38 9.45
CA ALA A 400 32.53 5.36 9.69
C ALA A 400 32.52 5.87 11.12
N ARG A 401 31.36 5.84 11.79
CA ARG A 401 31.29 6.30 13.17
C ARG A 401 31.89 5.31 14.16
N ILE A 402 32.05 4.04 13.79
CA ILE A 402 32.54 3.02 14.70
C ILE A 402 33.88 2.44 14.28
N VAL A 403 34.41 2.82 13.12
CA VAL A 403 35.61 2.19 12.59
C VAL A 403 36.74 2.45 13.57
N ASP B 11 14.04 12.16 -9.59
CA ASP B 11 14.97 12.26 -8.49
C ASP B 11 15.43 10.88 -8.04
N LYS B 12 16.75 10.70 -7.93
CA LYS B 12 17.34 9.49 -7.40
C LYS B 12 16.97 9.32 -5.94
N HIS B 13 16.27 10.30 -5.37
CA HIS B 13 15.83 10.27 -3.98
C HIS B 13 14.32 10.28 -3.82
N LEU B 14 13.56 10.09 -4.90
CA LEU B 14 12.11 10.23 -4.79
C LEU B 14 11.51 9.20 -3.85
N ASP B 15 11.98 7.96 -3.89
CA ASP B 15 11.44 6.93 -3.01
C ASP B 15 11.72 7.27 -1.55
N THR B 16 12.92 7.75 -1.26
CA THR B 16 13.21 8.19 0.10
C THR B 16 12.33 9.35 0.50
N ALA B 17 12.10 10.28 -0.43
CA ALA B 17 11.23 11.41 -0.12
C ALA B 17 9.79 10.96 0.13
N LEU B 18 9.30 10.01 -0.67
CA LEU B 18 7.93 9.52 -0.48
C LEU B 18 7.77 8.88 0.88
N VAL B 19 8.77 8.14 1.34
CA VAL B 19 8.70 7.48 2.64
C VAL B 19 8.71 8.49 3.78
N ASN B 20 9.43 9.60 3.61
CA ASN B 20 9.69 10.51 4.72
C ASN B 20 8.88 11.80 4.69
N ALA B 21 8.27 12.16 3.56
CA ALA B 21 7.62 13.46 3.43
C ALA B 21 6.53 13.64 4.49
N GLY B 22 6.54 14.80 5.14
CA GLY B 22 5.56 15.15 6.14
C GLY B 22 5.77 14.54 7.51
N ARG B 23 6.72 13.62 7.67
CA ARG B 23 6.88 12.89 8.92
C ARG B 23 7.92 13.64 9.76
N ARG B 24 7.41 14.52 10.61
CA ARG B 24 8.19 15.27 11.58
C ARG B 24 7.64 14.90 12.95
N LYS B 25 8.51 14.94 13.97
CA LYS B 25 8.11 14.55 15.32
C LYS B 25 6.88 15.30 15.82
N LYS B 26 6.76 16.59 15.45
CA LYS B 26 5.60 17.36 15.86
C LYS B 26 4.29 16.69 15.48
N TYR B 27 4.27 15.99 14.36
CA TYR B 27 3.07 15.34 13.86
C TYR B 27 2.99 13.87 14.20
N THR B 28 4.12 13.17 14.29
CA THR B 28 4.12 11.73 14.52
C THR B 28 4.14 11.36 16.00
N GLN B 29 4.72 12.21 16.84
CA GLN B 29 4.68 12.02 18.29
C GLN B 29 5.14 10.62 18.70
N GLY B 30 6.09 10.06 17.96
CA GLY B 30 6.71 8.79 18.31
C GLY B 30 6.31 7.62 17.43
N SER B 31 5.20 7.71 16.71
CA SER B 31 4.83 6.66 15.78
C SER B 31 5.50 6.94 14.44
N VAL B 32 5.41 5.97 13.54
CA VAL B 32 5.97 6.14 12.21
C VAL B 32 5.13 7.15 11.42
N ASN B 33 3.82 7.01 11.48
CA ASN B 33 2.90 7.87 10.77
C ASN B 33 2.41 9.01 11.66
N SER B 34 1.89 10.05 11.03
N SER B 34 1.85 10.03 11.02
CA SER B 34 1.28 11.13 11.80
CA SER B 34 1.26 11.14 11.77
C SER B 34 0.16 10.59 12.68
C SER B 34 0.09 10.67 12.61
N VAL B 35 -0.06 11.26 13.80
CA VAL B 35 -1.27 11.01 14.57
C VAL B 35 -2.47 11.47 13.76
N ILE B 36 -3.62 10.88 14.05
N ILE B 36 -3.63 10.90 14.08
CA ILE B 36 -4.90 11.34 13.54
CA ILE B 36 -4.91 11.33 13.54
C ILE B 36 -5.53 12.19 14.64
C ILE B 36 -5.58 12.19 14.62
N GLN B 37 -5.64 13.49 14.39
CA GLN B 37 -6.23 14.43 15.33
C GLN B 37 -7.56 14.85 14.73
N ARG B 38 -8.65 14.38 15.30
CA ARG B 38 -9.98 14.70 14.83
C ARG B 38 -10.50 15.88 15.64
N ALA B 39 -10.87 16.97 14.95
CA ALA B 39 -11.28 18.13 15.71
C ALA B 39 -12.02 19.15 14.86
N SER B 40 -13.03 19.77 15.47
CA SER B 40 -13.50 21.10 15.09
C SER B 40 -12.85 22.08 16.07
N SER B 41 -13.29 22.03 17.32
CA SER B 41 -12.67 22.83 18.37
C SER B 41 -11.20 22.46 18.58
N LEU B 42 -10.36 23.48 18.66
CA LEU B 42 -8.98 23.35 19.11
C LEU B 42 -8.82 24.27 20.30
N VAL B 43 -8.30 23.74 21.39
CA VAL B 43 -8.38 24.41 22.68
C VAL B 43 -7.14 25.27 22.89
N PHE B 44 -7.37 26.53 23.28
CA PHE B 44 -6.33 27.45 23.68
C PHE B 44 -6.21 27.45 25.20
N ASP B 45 -4.99 27.25 25.70
N ASP B 45 -5.00 27.25 25.70
CA ASP B 45 -4.78 27.22 27.14
CA ASP B 45 -4.81 27.22 27.15
C ASP B 45 -4.96 28.60 27.75
C ASP B 45 -4.95 28.61 27.76
N THR B 46 -4.63 29.65 27.01
CA THR B 46 -4.61 31.00 27.53
C THR B 46 -4.95 31.97 26.41
N VAL B 47 -5.27 33.21 26.82
CA VAL B 47 -5.47 34.29 25.85
C VAL B 47 -4.20 34.50 25.01
N GLU B 48 -3.02 34.47 25.65
CA GLU B 48 -1.78 34.59 24.90
C GLU B 48 -1.68 33.51 23.83
N ALA B 49 -2.01 32.27 24.19
CA ALA B 49 -1.98 31.19 23.21
C ALA B 49 -2.97 31.43 22.08
N LYS B 50 -4.17 31.93 22.40
CA LYS B 50 -5.14 32.19 21.35
C LYS B 50 -4.66 33.28 20.40
N LYS B 51 -4.02 34.33 20.93
CA LYS B 51 -3.52 35.40 20.07
C LYS B 51 -2.47 34.86 19.10
N HIS B 52 -1.58 34.00 19.59
CA HIS B 52 -0.54 33.44 18.75
C HIS B 52 -1.14 32.52 17.69
N ALA B 53 -2.13 31.72 18.06
CA ALA B 53 -2.80 30.85 17.11
C ALA B 53 -3.55 31.66 16.06
N THR B 54 -4.17 32.77 16.48
CA THR B 54 -4.90 33.60 15.53
C THR B 54 -3.95 34.18 14.49
N ARG B 55 -2.82 34.73 14.95
CA ARG B 55 -1.87 35.33 14.02
C ARG B 55 -1.37 34.31 13.01
N ASN B 56 -1.20 33.08 13.46
CA ASN B 56 -0.59 32.00 12.68
C ASN B 56 -1.60 30.97 12.23
N ARG B 57 -2.86 31.37 12.08
CA ARG B 57 -3.91 30.39 11.81
C ARG B 57 -3.81 29.79 10.43
N ALA B 58 -3.07 30.42 9.52
CA ALA B 58 -2.82 29.85 8.20
C ALA B 58 -1.39 29.37 8.05
N LYS B 59 -0.64 29.29 9.15
CA LYS B 59 0.79 29.01 9.13
C LYS B 59 1.13 27.81 10.01
N GLY B 60 0.20 26.89 10.19
CA GLY B 60 0.51 25.64 10.83
C GLY B 60 0.46 25.63 12.34
N GLU B 61 -0.15 26.63 12.96
CA GLU B 61 -0.43 26.60 14.39
C GLU B 61 -1.89 26.18 14.55
N LEU B 62 -2.14 25.29 15.50
CA LEU B 62 -3.50 24.82 15.74
C LEU B 62 -4.42 25.98 16.13
N PHE B 63 -5.54 26.08 15.43
CA PHE B 63 -6.46 27.20 15.63
C PHE B 63 -7.92 26.77 15.49
N TYR B 64 -8.24 26.07 14.41
CA TYR B 64 -9.62 25.67 14.18
C TYR B 64 -9.62 24.52 13.18
N GLY B 65 -10.54 23.57 13.38
CA GLY B 65 -10.53 22.36 12.58
C GLY B 65 -10.60 22.60 11.08
N ARG B 66 -11.26 23.69 10.66
N ARG B 66 -11.27 23.69 10.67
CA ARG B 66 -11.37 23.97 9.24
CA ARG B 66 -11.39 23.99 9.24
C ARG B 66 -10.05 24.44 8.64
C ARG B 66 -10.07 24.45 8.65
N ARG B 67 -9.16 25.01 9.46
CA ARG B 67 -7.82 25.33 8.98
C ARG B 67 -6.92 24.11 9.00
N GLY B 68 -7.25 23.13 9.84
CA GLY B 68 -6.51 21.89 9.89
C GLY B 68 -6.07 21.49 11.28
N THR B 69 -5.81 20.20 11.47
CA THR B 69 -5.19 19.70 12.68
C THR B 69 -3.78 19.24 12.32
N LEU B 70 -3.09 18.62 13.30
CA LEU B 70 -1.75 18.11 13.03
C LEU B 70 -1.73 17.20 11.81
N THR B 71 -2.79 16.42 11.61
CA THR B 71 -2.85 15.46 10.52
C THR B 71 -2.86 16.16 9.17
N HIS B 72 -3.64 17.23 9.06
CA HIS B 72 -3.65 18.00 7.82
C HIS B 72 -2.30 18.67 7.59
N PHE B 73 -1.73 19.27 8.64
CA PHE B 73 -0.47 19.97 8.48
C PHE B 73 0.61 19.02 7.93
N SER B 74 0.64 17.80 8.44
CA SER B 74 1.61 16.81 7.98
C SER B 74 1.44 16.50 6.49
N LEU B 75 0.18 16.30 6.06
CA LEU B 75 -0.07 16.08 4.64
C LEU B 75 0.33 17.30 3.82
N GLN B 76 -0.02 18.50 4.29
CA GLN B 76 0.31 19.71 3.55
C GLN B 76 1.82 19.83 3.37
N GLU B 77 2.59 19.54 4.42
CA GLU B 77 4.04 19.61 4.29
C GLU B 77 4.54 18.57 3.31
N ALA B 78 3.98 17.35 3.36
CA ALA B 78 4.38 16.31 2.42
C ALA B 78 4.15 16.75 0.99
N MET B 79 2.94 17.28 0.70
CA MET B 79 2.61 17.67 -0.66
C MET B 79 3.48 18.83 -1.14
N CYS B 80 3.77 19.79 -0.26
CA CYS B 80 4.61 20.90 -0.66
C CYS B 80 6.03 20.42 -0.96
N GLU B 81 6.54 19.49 -0.15
CA GLU B 81 7.86 18.95 -0.43
C GLU B 81 7.88 18.22 -1.76
N LEU B 82 6.89 17.35 -1.99
CA LEU B 82 6.94 16.48 -3.16
C LEU B 82 6.71 17.26 -4.46
N GLU B 83 5.82 18.25 -4.45
CA GLU B 83 5.51 19.01 -5.65
C GLU B 83 6.21 20.36 -5.68
N GLY B 84 7.00 20.68 -4.67
CA GLY B 84 7.81 21.89 -4.70
C GLY B 84 7.04 23.18 -4.63
N GLY B 85 6.06 23.27 -3.71
CA GLY B 85 5.19 24.41 -3.62
C GLY B 85 5.33 25.13 -2.28
N ALA B 86 4.67 26.28 -2.21
CA ALA B 86 4.65 27.09 -1.00
C ALA B 86 3.49 26.73 -0.09
N GLY B 87 2.43 26.16 -0.62
CA GLY B 87 1.31 25.74 0.19
C GLY B 87 0.48 24.74 -0.55
N CYS B 88 -0.31 23.99 0.20
CA CYS B 88 -1.21 22.98 -0.35
C CYS B 88 -2.59 23.14 0.27
N ALA B 89 -3.59 23.44 -0.56
CA ALA B 89 -4.97 23.47 -0.12
C ALA B 89 -5.60 22.09 -0.31
N LEU B 90 -6.50 21.73 0.62
CA LEU B 90 -7.14 20.43 0.63
C LEU B 90 -8.63 20.59 0.42
N PHE B 91 -9.23 19.60 -0.26
CA PHE B 91 -10.60 19.67 -0.72
C PHE B 91 -11.27 18.32 -0.57
N PRO B 92 -12.62 18.27 -0.58
CA PRO B 92 -13.30 16.98 -0.41
C PRO B 92 -13.10 16.01 -1.56
N CYS B 93 -12.71 16.49 -2.73
CA CYS B 93 -12.46 15.63 -3.88
C CYS B 93 -11.74 16.46 -4.93
N GLY B 94 -11.35 15.78 -6.02
CA GLY B 94 -10.66 16.47 -7.09
C GLY B 94 -11.53 17.51 -7.77
N ALA B 95 -12.81 17.20 -7.95
CA ALA B 95 -13.69 18.16 -8.62
C ALA B 95 -13.84 19.43 -7.79
N ALA B 96 -13.87 19.31 -6.47
CA ALA B 96 -13.91 20.49 -5.63
C ALA B 96 -12.61 21.28 -5.72
N ALA B 97 -11.47 20.57 -5.81
CA ALA B 97 -10.19 21.26 -5.97
C ALA B 97 -10.18 22.06 -7.25
N VAL B 98 -10.61 21.46 -8.36
CA VAL B 98 -10.63 22.18 -9.63
C VAL B 98 -11.56 23.38 -9.55
N ALA B 99 -12.81 23.15 -9.15
CA ALA B 99 -13.80 24.23 -9.17
C ALA B 99 -13.39 25.38 -8.26
N ASN B 100 -12.92 25.07 -7.05
CA ASN B 100 -12.62 26.14 -6.10
C ASN B 100 -11.27 26.78 -6.39
N THR B 101 -10.32 26.05 -6.98
CA THR B 101 -9.06 26.68 -7.36
C THR B 101 -9.26 27.68 -8.49
N ILE B 102 -10.06 27.32 -9.50
CA ILE B 102 -10.38 28.29 -10.54
C ILE B 102 -11.15 29.47 -9.95
N LEU B 103 -12.18 29.17 -9.15
CA LEU B 103 -13.01 30.24 -8.59
C LEU B 103 -12.17 31.22 -7.79
N ALA B 104 -11.12 30.72 -7.13
CA ALA B 104 -10.30 31.58 -6.29
C ALA B 104 -9.60 32.68 -7.06
N PHE B 105 -9.47 32.55 -8.39
CA PHE B 105 -8.70 33.51 -9.16
C PHE B 105 -9.49 34.25 -10.23
N VAL B 106 -10.81 34.04 -10.30
CA VAL B 106 -11.60 34.74 -11.30
C VAL B 106 -12.60 35.66 -10.63
N GLU B 107 -13.04 36.66 -11.38
CA GLU B 107 -14.10 37.55 -10.97
C GLU B 107 -14.90 37.90 -12.22
N GLN B 108 -16.09 38.45 -12.01
N GLN B 108 -16.09 38.45 -12.01
CA GLN B 108 -16.94 38.85 -13.13
CA GLN B 108 -16.96 38.79 -13.14
C GLN B 108 -16.14 39.64 -14.15
C GLN B 108 -16.19 39.64 -14.14
N GLY B 109 -16.31 39.29 -15.43
CA GLY B 109 -15.58 39.93 -16.49
C GLY B 109 -14.31 39.21 -16.91
N ASP B 110 -13.87 38.22 -16.15
CA ASP B 110 -12.67 37.49 -16.51
C ASP B 110 -12.98 36.39 -17.52
N HIS B 111 -11.91 35.81 -18.07
CA HIS B 111 -11.96 34.77 -19.10
C HIS B 111 -11.01 33.67 -18.70
N VAL B 112 -11.46 32.43 -18.89
CA VAL B 112 -10.66 31.23 -18.63
C VAL B 112 -10.39 30.55 -19.96
N LEU B 113 -9.16 30.11 -20.16
CA LEU B 113 -8.75 29.33 -21.32
C LEU B 113 -8.43 27.92 -20.83
N MET B 114 -9.18 26.93 -21.32
CA MET B 114 -9.09 25.57 -20.81
C MET B 114 -8.88 24.60 -21.97
N THR B 115 -8.01 23.62 -21.77
CA THR B 115 -7.82 22.60 -22.79
C THR B 115 -9.13 21.86 -23.03
N ASN B 116 -9.43 21.56 -24.30
CA ASN B 116 -10.68 20.88 -24.60
C ASN B 116 -10.64 19.40 -24.24
N THR B 117 -9.51 18.90 -23.75
CA THR B 117 -9.38 17.54 -23.24
C THR B 117 -9.49 17.50 -21.73
N ALA B 118 -9.92 18.59 -21.10
CA ALA B 118 -10.06 18.62 -19.65
C ALA B 118 -11.14 17.64 -19.20
N TYR B 119 -10.93 17.08 -18.01
CA TYR B 119 -11.91 16.23 -17.34
C TYR B 119 -13.29 16.87 -17.42
N GLU B 120 -14.30 16.06 -17.77
CA GLU B 120 -15.63 16.60 -18.04
C GLU B 120 -16.18 17.44 -16.90
N PRO B 121 -16.13 17.02 -15.64
CA PRO B 121 -16.59 17.91 -14.56
C PRO B 121 -15.91 19.26 -14.52
N SER B 122 -14.64 19.34 -14.91
CA SER B 122 -13.97 20.63 -14.96
C SER B 122 -14.58 21.52 -16.03
N GLN B 123 -14.92 20.94 -17.18
CA GLN B 123 -15.61 21.69 -18.22
C GLN B 123 -16.98 22.16 -17.74
N ASP B 124 -17.73 21.26 -17.09
CA ASP B 124 -19.08 21.60 -16.67
C ASP B 124 -19.07 22.70 -15.62
N PHE B 125 -18.09 22.69 -14.71
CA PHE B 125 -17.93 23.81 -13.80
C PHE B 125 -17.85 25.13 -14.58
N CYS B 126 -17.03 25.15 -15.64
CA CYS B 126 -16.85 26.37 -16.41
C CYS B 126 -18.14 26.77 -17.13
N THR B 127 -18.81 25.81 -17.77
CA THR B 127 -19.92 26.18 -18.63
C THR B 127 -21.23 26.35 -17.86
N LYS B 128 -21.35 25.73 -16.68
CA LYS B 128 -22.61 25.75 -15.93
C LYS B 128 -22.55 26.58 -14.66
N ILE B 129 -21.38 26.84 -14.11
CA ILE B 129 -21.23 27.68 -12.94
C ILE B 129 -20.62 29.04 -13.30
N LEU B 130 -19.40 29.04 -13.83
CA LEU B 130 -18.73 30.31 -14.09
C LEU B 130 -19.55 31.18 -15.04
N ALA B 131 -20.17 30.57 -16.05
CA ALA B 131 -20.86 31.36 -17.06
C ALA B 131 -21.97 32.23 -16.45
N LYS B 132 -22.69 31.69 -15.47
CA LYS B 132 -23.76 32.45 -14.84
C LYS B 132 -23.23 33.50 -13.86
N LEU B 133 -21.94 33.50 -13.58
CA LEU B 133 -21.31 34.47 -12.71
C LEU B 133 -20.49 35.50 -13.47
N GLY B 134 -20.64 35.56 -14.80
CA GLY B 134 -19.97 36.57 -15.58
C GLY B 134 -18.55 36.24 -15.98
N VAL B 135 -18.15 34.96 -15.91
CA VAL B 135 -16.83 34.52 -16.33
C VAL B 135 -17.00 33.63 -17.54
N THR B 136 -16.35 33.98 -18.64
CA THR B 136 -16.41 33.22 -19.88
C THR B 136 -15.25 32.23 -19.96
N THR B 137 -15.42 31.22 -20.81
CA THR B 137 -14.40 30.20 -21.02
C THR B 137 -14.20 29.95 -22.51
N GLY B 138 -12.94 29.96 -22.93
CA GLY B 138 -12.55 29.53 -24.25
C GLY B 138 -11.73 28.25 -24.16
N TRP B 139 -11.56 27.61 -25.32
CA TRP B 139 -10.99 26.27 -25.39
C TRP B 139 -9.80 26.24 -26.34
N PHE B 140 -8.90 25.29 -26.12
CA PHE B 140 -7.77 25.10 -27.00
C PHE B 140 -7.46 23.62 -27.18
N ASP B 141 -6.97 23.29 -28.37
CA ASP B 141 -6.50 21.93 -28.66
C ASP B 141 -5.29 21.63 -27.80
N PRO B 142 -5.15 20.39 -27.30
CA PRO B 142 -4.04 20.09 -26.38
C PRO B 142 -2.66 20.19 -27.02
N LEU B 143 -2.55 20.11 -28.34
CA LEU B 143 -1.27 20.23 -29.04
C LEU B 143 -1.03 21.63 -29.57
N ILE B 144 -1.77 22.62 -29.07
CA ILE B 144 -1.65 23.98 -29.59
C ILE B 144 -0.23 24.52 -29.40
N GLY B 145 0.46 24.14 -28.33
CA GLY B 145 1.80 24.65 -28.14
C GLY B 145 1.83 26.17 -28.10
N ALA B 146 2.84 26.74 -28.78
CA ALA B 146 3.05 28.18 -28.72
C ALA B 146 1.90 28.97 -29.33
N ASP B 147 1.10 28.35 -30.19
CA ASP B 147 0.00 29.07 -30.82
C ASP B 147 -1.09 29.46 -29.82
N ILE B 148 -1.00 29.02 -28.57
CA ILE B 148 -1.99 29.45 -27.58
C ILE B 148 -1.96 30.95 -27.38
N ALA B 149 -0.84 31.61 -27.70
CA ALA B 149 -0.75 33.05 -27.54
C ALA B 149 -1.83 33.77 -28.34
N ASN B 150 -2.29 33.17 -29.44
CA ASN B 150 -3.32 33.80 -30.26
C ASN B 150 -4.71 33.73 -29.64
N LEU B 151 -4.92 32.86 -28.66
CA LEU B 151 -6.21 32.73 -28.01
C LEU B 151 -6.32 33.53 -26.74
N ILE B 152 -5.24 34.16 -26.31
CA ILE B 152 -5.22 34.87 -25.04
C ILE B 152 -5.85 36.24 -25.23
N GLN B 153 -6.81 36.57 -24.37
CA GLN B 153 -7.55 37.81 -24.44
C GLN B 153 -7.11 38.74 -23.32
N PRO B 154 -7.39 40.05 -23.45
CA PRO B 154 -6.98 40.99 -22.40
C PRO B 154 -7.59 40.69 -21.04
N ASN B 155 -8.68 39.95 -20.99
CA ASN B 155 -9.33 39.60 -19.74
C ASN B 155 -9.06 38.15 -19.34
N THR B 156 -8.17 37.45 -20.04
CA THR B 156 -7.85 36.07 -19.68
C THR B 156 -7.03 36.03 -18.40
N LYS B 157 -7.59 35.44 -17.36
CA LYS B 157 -6.97 35.37 -16.04
C LYS B 157 -6.38 34.01 -15.71
N VAL B 158 -6.92 32.93 -16.29
CA VAL B 158 -6.56 31.57 -15.93
C VAL B 158 -6.35 30.79 -17.22
N VAL B 159 -5.25 30.05 -17.29
CA VAL B 159 -5.01 29.07 -18.35
C VAL B 159 -4.94 27.70 -17.68
N PHE B 160 -5.84 26.80 -18.06
CA PHE B 160 -6.03 25.53 -17.38
C PHE B 160 -5.60 24.39 -18.29
N LEU B 161 -4.58 23.66 -17.84
CA LEU B 161 -3.97 22.57 -18.57
C LEU B 161 -4.37 21.23 -17.94
N GLU B 162 -4.28 20.17 -18.74
CA GLU B 162 -4.44 18.81 -18.23
C GLU B 162 -3.63 17.90 -19.15
N SER B 163 -2.56 17.32 -18.61
CA SER B 163 -1.62 16.56 -19.43
C SER B 163 -1.17 15.32 -18.68
N PRO B 164 -1.41 14.12 -19.21
N PRO B 164 -1.44 14.11 -19.21
CA PRO B 164 -2.20 13.81 -20.41
CA PRO B 164 -2.19 13.82 -20.44
C PRO B 164 -3.66 14.22 -20.27
C PRO B 164 -3.68 14.13 -20.27
N GLY B 165 -4.35 14.41 -21.39
CA GLY B 165 -5.75 14.75 -21.34
C GLY B 165 -6.61 13.61 -20.82
N SER B 166 -7.79 13.98 -20.35
CA SER B 166 -8.76 12.99 -19.91
C SER B 166 -9.18 12.11 -21.08
N ILE B 167 -9.23 10.79 -20.82
CA ILE B 167 -9.80 9.79 -21.71
C ILE B 167 -8.92 9.53 -22.93
N THR B 168 -8.60 10.59 -23.68
CA THR B 168 -7.87 10.46 -24.94
C THR B 168 -6.36 10.64 -24.81
N MET B 169 -5.88 11.14 -23.66
CA MET B 169 -4.48 10.99 -23.25
C MET B 169 -3.48 11.88 -23.99
N GLU B 170 -3.92 12.93 -24.67
CA GLU B 170 -2.99 13.80 -25.39
C GLU B 170 -2.09 14.55 -24.40
N VAL B 171 -0.79 14.60 -24.68
CA VAL B 171 0.19 15.25 -23.82
C VAL B 171 0.47 16.65 -24.35
N HIS B 172 0.35 17.67 -23.49
CA HIS B 172 0.67 19.03 -23.87
C HIS B 172 2.18 19.20 -24.05
N ASP B 173 2.56 20.23 -24.80
CA ASP B 173 3.92 20.77 -24.80
C ASP B 173 3.93 21.92 -23.79
N VAL B 174 4.07 21.56 -22.51
CA VAL B 174 3.95 22.57 -21.46
C VAL B 174 4.98 23.68 -21.62
N PRO B 175 6.25 23.40 -21.88
CA PRO B 175 7.21 24.51 -22.04
C PRO B 175 6.78 25.51 -23.10
N ALA B 176 6.28 25.04 -24.25
CA ALA B 176 5.82 25.95 -25.28
C ALA B 176 4.62 26.75 -24.83
N ILE B 177 3.64 26.09 -24.19
CA ILE B 177 2.45 26.78 -23.71
C ILE B 177 2.83 27.85 -22.68
N VAL B 178 3.62 27.45 -21.68
CA VAL B 178 3.98 28.39 -20.62
C VAL B 178 4.71 29.60 -21.18
N ALA B 179 5.72 29.36 -22.01
CA ALA B 179 6.51 30.47 -22.55
C ALA B 179 5.63 31.42 -23.35
N ALA B 180 4.71 30.87 -24.15
CA ALA B 180 3.81 31.72 -24.92
C ALA B 180 2.88 32.52 -24.01
N VAL B 181 2.36 31.88 -22.97
CA VAL B 181 1.50 32.59 -22.02
C VAL B 181 2.28 33.72 -21.35
N ARG B 182 3.50 33.42 -20.91
CA ARG B 182 4.28 34.44 -20.19
C ARG B 182 4.69 35.59 -21.10
N ARG B 183 4.78 35.35 -22.41
CA ARG B 183 5.10 36.44 -23.33
C ARG B 183 3.94 37.42 -23.45
N VAL B 184 2.70 36.91 -23.42
CA VAL B 184 1.52 37.71 -23.71
C VAL B 184 0.79 38.14 -22.44
N ALA B 185 0.70 37.26 -21.44
CA ALA B 185 -0.03 37.56 -20.21
C ALA B 185 0.77 37.02 -19.04
N PRO B 186 1.89 37.68 -18.70
CA PRO B 186 2.76 37.15 -17.64
C PRO B 186 2.07 37.00 -16.29
N GLU B 187 1.01 37.77 -16.03
CA GLU B 187 0.32 37.72 -14.75
C GLU B 187 -0.74 36.63 -14.69
N ALA B 188 -0.97 35.92 -15.78
CA ALA B 188 -2.00 34.89 -15.81
C ALA B 188 -1.68 33.82 -14.78
N ILE B 189 -2.71 33.15 -14.30
CA ILE B 189 -2.59 32.02 -13.39
C ILE B 189 -2.63 30.76 -14.25
N ILE B 190 -1.52 30.04 -14.33
CA ILE B 190 -1.47 28.80 -15.10
C ILE B 190 -1.66 27.64 -14.13
N MET B 191 -2.65 26.80 -14.41
CA MET B 191 -3.00 25.69 -13.55
C MET B 191 -2.95 24.40 -14.35
N ILE B 192 -2.72 23.30 -13.66
CA ILE B 192 -2.74 22.00 -14.32
C ILE B 192 -3.42 20.98 -13.42
N ASP B 193 -4.23 20.12 -14.03
CA ASP B 193 -4.73 18.92 -13.37
C ASP B 193 -3.67 17.86 -13.62
N ASN B 194 -2.89 17.54 -12.59
CA ASN B 194 -1.71 16.70 -12.67
C ASN B 194 -1.96 15.34 -12.04
N THR B 195 -3.21 14.87 -12.08
CA THR B 195 -3.58 13.64 -11.39
C THR B 195 -2.93 12.41 -12.02
N TRP B 196 -2.85 12.37 -13.35
CA TRP B 196 -2.33 11.18 -14.01
C TRP B 196 -0.89 10.91 -13.60
N ALA B 197 -0.10 11.96 -13.41
CA ALA B 197 1.29 11.87 -12.99
C ALA B 197 1.44 11.76 -11.47
N ALA B 198 0.33 11.80 -10.73
CA ALA B 198 0.33 11.76 -9.26
C ALA B 198 1.15 12.90 -8.68
N GLY B 199 1.29 13.98 -9.43
CA GLY B 199 2.09 15.11 -9.01
C GLY B 199 3.58 14.88 -9.01
N VAL B 200 4.04 13.66 -9.26
CA VAL B 200 5.46 13.35 -9.11
C VAL B 200 6.16 12.94 -10.42
N LEU B 201 5.39 12.40 -11.38
CA LEU B 201 5.99 12.05 -12.67
C LEU B 201 6.14 13.26 -13.60
N PHE B 202 5.49 14.37 -13.27
CA PHE B 202 5.59 15.64 -14.00
C PHE B 202 5.64 16.72 -12.94
N LYS B 203 6.77 17.42 -12.84
CA LYS B 203 7.00 18.40 -11.78
C LYS B 203 6.50 19.75 -12.26
N ALA B 204 5.18 19.91 -12.18
CA ALA B 204 4.49 21.03 -12.82
C ALA B 204 5.07 22.38 -12.42
N LEU B 205 5.32 22.59 -11.13
N LEU B 205 5.32 22.59 -11.13
CA LEU B 205 5.79 23.89 -10.67
CA LEU B 205 5.79 23.90 -10.70
C LEU B 205 7.20 24.20 -11.16
C LEU B 205 7.18 24.21 -11.24
N ASP B 206 7.97 23.19 -11.54
CA ASP B 206 9.29 23.43 -12.12
C ASP B 206 9.19 23.94 -13.55
N PHE B 207 8.03 23.78 -14.20
CA PHE B 207 7.82 24.23 -15.57
C PHE B 207 7.19 25.60 -15.66
N GLY B 208 7.07 26.32 -14.55
CA GLY B 208 6.47 27.63 -14.56
C GLY B 208 4.96 27.64 -14.41
N ILE B 209 4.35 26.48 -14.19
CA ILE B 209 2.94 26.44 -13.84
C ILE B 209 2.77 26.94 -12.42
N ASP B 210 1.67 27.65 -12.15
CA ASP B 210 1.50 28.26 -10.84
C ASP B 210 0.91 27.30 -9.82
N ILE B 211 -0.03 26.44 -10.24
CA ILE B 211 -0.78 25.60 -9.31
C ILE B 211 -0.94 24.21 -9.92
N SER B 212 -0.59 23.19 -9.15
CA SER B 212 -0.75 21.80 -9.55
C SER B 212 -1.88 21.18 -8.73
N ILE B 213 -2.93 20.77 -9.41
CA ILE B 213 -4.14 20.25 -8.80
C ILE B 213 -4.17 18.75 -9.01
N GLN B 214 -4.59 18.00 -7.98
CA GLN B 214 -4.79 16.58 -8.14
C GLN B 214 -6.11 16.11 -7.54
N ALA B 215 -6.72 15.14 -8.20
CA ALA B 215 -7.67 14.24 -7.55
C ALA B 215 -6.81 13.22 -6.81
N ALA B 216 -6.45 13.56 -5.57
CA ALA B 216 -5.65 12.65 -4.75
C ALA B 216 -6.38 11.34 -4.51
N THR B 217 -7.70 11.33 -4.70
CA THR B 217 -8.54 10.15 -4.80
C THR B 217 -7.92 9.01 -5.58
N LYS B 218 -7.20 9.36 -6.63
CA LYS B 218 -6.68 8.38 -7.60
C LYS B 218 -5.39 7.80 -7.06
N TYR B 219 -4.23 8.22 -7.55
CA TYR B 219 -3.01 7.49 -7.19
C TYR B 219 -2.52 7.77 -5.77
N LEU B 220 -2.77 8.95 -5.21
CA LEU B 220 -2.25 9.22 -3.88
C LEU B 220 -2.93 8.30 -2.85
N ILE B 221 -4.26 8.23 -2.85
CA ILE B 221 -4.96 7.26 -2.01
C ILE B 221 -4.61 5.84 -2.44
N GLY B 222 -4.74 5.55 -3.74
CA GLY B 222 -4.20 4.33 -4.32
C GLY B 222 -5.00 3.06 -4.13
N HIS B 223 -6.17 3.12 -3.49
CA HIS B 223 -6.90 1.91 -3.14
C HIS B 223 -8.40 2.04 -3.41
N SER B 224 -8.83 3.05 -4.15
CA SER B 224 -10.20 3.20 -4.61
C SER B 224 -11.21 3.44 -3.49
N ASP B 225 -10.73 3.84 -2.29
N ASP B 225 -10.74 3.81 -2.28
CA ASP B 225 -11.57 3.85 -1.10
CA ASP B 225 -11.67 4.11 -1.19
C ASP B 225 -11.54 5.18 -0.35
C ASP B 225 -11.81 5.61 -0.95
N GLY B 226 -11.22 6.27 -1.02
N GLY B 226 -10.76 6.30 -0.50
CA GLY B 226 -11.18 7.54 -0.35
CA GLY B 226 -10.91 7.70 -0.14
C GLY B 226 -11.12 8.65 -1.37
C GLY B 226 -11.12 8.62 -1.33
N MET B 227 -11.72 9.78 -1.06
CA MET B 227 -11.81 10.88 -2.01
C MET B 227 -11.25 12.14 -1.38
N ILE B 228 -10.48 12.89 -2.16
CA ILE B 228 -9.76 14.06 -1.66
C ILE B 228 -9.13 14.77 -2.85
N GLY B 229 -9.17 16.10 -2.82
CA GLY B 229 -8.47 16.95 -3.77
C GLY B 229 -7.36 17.74 -3.10
N THR B 230 -6.32 18.02 -3.86
CA THR B 230 -5.20 18.83 -3.41
C THR B 230 -4.88 19.86 -4.47
N ALA B 231 -4.38 21.01 -4.04
CA ALA B 231 -3.88 22.02 -4.96
C ALA B 231 -2.63 22.61 -4.33
N VAL B 232 -1.49 22.42 -4.98
CA VAL B 232 -0.21 22.93 -4.51
C VAL B 232 0.15 24.15 -5.33
N ALA B 233 0.34 25.28 -4.66
CA ALA B 233 0.56 26.56 -5.31
C ALA B 233 1.96 27.08 -5.03
N ASN B 234 2.51 27.84 -5.99
CA ASN B 234 3.76 28.55 -5.76
C ASN B 234 3.52 29.73 -4.81
N ALA B 235 4.62 30.39 -4.46
CA ALA B 235 4.54 31.47 -3.47
C ALA B 235 3.68 32.62 -3.98
N ARG B 236 3.70 32.87 -5.30
CA ARG B 236 2.94 33.99 -5.83
C ARG B 236 1.45 33.83 -5.59
N CYS B 237 0.94 32.60 -5.73
CA CYS B 237 -0.50 32.35 -5.77
C CYS B 237 -1.05 31.74 -4.50
N TRP B 238 -0.21 31.39 -3.53
CA TRP B 238 -0.67 30.57 -2.41
C TRP B 238 -1.71 31.30 -1.55
N GLU B 239 -1.43 32.53 -1.14
CA GLU B 239 -2.32 33.18 -0.18
C GLU B 239 -3.71 33.38 -0.76
N GLN B 240 -3.79 33.77 -2.04
CA GLN B 240 -5.09 33.91 -2.69
C GLN B 240 -5.83 32.57 -2.78
N LEU B 241 -5.12 31.50 -3.17
CA LEU B 241 -5.75 30.19 -3.20
C LEU B 241 -6.25 29.78 -1.82
N CYS B 242 -5.36 29.90 -0.83
CA CYS B 242 -5.68 29.44 0.51
C CYS B 242 -6.90 30.17 1.07
N GLU B 243 -6.90 31.50 1.00
CA GLU B 243 -7.97 32.25 1.66
C GLU B 243 -9.28 32.14 0.91
N ASN B 244 -9.27 32.08 -0.42
CA ASN B 244 -10.53 31.97 -1.16
C ASN B 244 -11.11 30.56 -1.04
N ALA B 245 -10.27 29.53 -1.04
CA ALA B 245 -10.77 28.19 -0.77
C ALA B 245 -11.37 28.11 0.62
N TYR B 246 -10.73 28.76 1.60
CA TYR B 246 -11.24 28.75 2.97
C TYR B 246 -12.59 29.44 3.06
N LEU B 247 -12.75 30.54 2.31
CA LEU B 247 -14.04 31.24 2.33
C LEU B 247 -15.16 30.41 1.74
N MET B 248 -14.83 29.46 0.87
CA MET B 248 -15.81 28.50 0.36
C MET B 248 -15.97 27.28 1.27
N GLY B 249 -15.32 27.28 2.43
CA GLY B 249 -15.43 26.18 3.35
C GLY B 249 -14.74 24.90 2.93
N GLN B 250 -13.73 24.97 2.06
CA GLN B 250 -13.13 23.75 1.53
C GLN B 250 -12.10 23.17 2.49
N MET B 251 -12.26 21.88 2.78
CA MET B 251 -11.35 21.14 3.65
C MET B 251 -11.57 19.66 3.36
N ILE B 252 -10.75 18.83 3.99
CA ILE B 252 -10.90 17.38 3.95
C ILE B 252 -10.86 16.90 5.40
N ASP B 253 -11.47 15.75 5.66
CA ASP B 253 -11.44 15.22 7.01
C ASP B 253 -10.05 14.69 7.37
N ALA B 254 -9.75 14.70 8.67
CA ALA B 254 -8.45 14.29 9.14
C ALA B 254 -8.12 12.85 8.76
N ASP B 255 -9.09 11.94 8.82
CA ASP B 255 -8.78 10.55 8.51
C ASP B 255 -8.39 10.37 7.05
N THR B 256 -9.08 11.05 6.14
CA THR B 256 -8.70 10.95 4.73
C THR B 256 -7.34 11.59 4.49
N ALA B 257 -7.03 12.69 5.21
CA ALA B 257 -5.70 13.25 5.12
C ALA B 257 -4.64 12.24 5.53
N TYR B 258 -4.89 11.54 6.64
CA TYR B 258 -3.98 10.48 7.08
C TYR B 258 -3.80 9.42 6.01
N MET B 259 -4.91 8.99 5.40
N MET B 259 -4.91 9.00 5.39
CA MET B 259 -4.81 7.93 4.40
CA MET B 259 -4.84 7.93 4.40
C MET B 259 -4.10 8.40 3.14
C MET B 259 -4.14 8.39 3.12
N THR B 260 -4.15 9.70 2.85
CA THR B 260 -3.42 10.22 1.70
C THR B 260 -1.91 10.21 1.98
N SER B 261 -1.51 10.72 3.15
CA SER B 261 -0.11 10.61 3.55
C SER B 261 0.36 9.17 3.48
N ARG B 262 -0.49 8.25 3.94
CA ARG B 262 -0.13 6.84 3.98
C ARG B 262 0.02 6.28 2.57
N GLY B 263 -0.83 6.72 1.64
CA GLY B 263 -0.70 6.29 0.26
C GLY B 263 0.59 6.74 -0.39
N LEU B 264 1.09 7.92 0.01
CA LEU B 264 2.35 8.37 -0.55
C LEU B 264 3.46 7.34 -0.35
N ARG B 265 3.40 6.58 0.74
CA ARG B 265 4.52 5.73 1.10
C ARG B 265 4.73 4.59 0.10
N THR B 266 3.66 4.15 -0.58
CA THR B 266 3.77 3.09 -1.57
C THR B 266 3.65 3.62 -3.00
N LEU B 267 3.60 4.94 -3.17
CA LEU B 267 3.35 5.50 -4.48
C LEU B 267 4.43 5.09 -5.47
N GLY B 268 5.69 5.02 -5.02
CA GLY B 268 6.77 4.63 -5.91
C GLY B 268 6.64 3.21 -6.41
N VAL B 269 6.48 2.25 -5.48
CA VAL B 269 6.37 0.85 -5.92
C VAL B 269 5.12 0.64 -6.76
N ARG B 270 4.03 1.33 -6.41
CA ARG B 270 2.82 1.19 -7.20
C ARG B 270 3.02 1.73 -8.61
N LEU B 271 3.48 2.99 -8.72
CA LEU B 271 3.65 3.59 -10.04
C LEU B 271 4.60 2.78 -10.94
N ARG B 272 5.70 2.26 -10.39
CA ARG B 272 6.60 1.49 -11.25
C ARG B 272 5.91 0.27 -11.83
N GLN B 273 5.05 -0.38 -11.04
N GLN B 273 5.04 -0.38 -11.04
CA GLN B 273 4.29 -1.51 -11.54
CA GLN B 273 4.30 -1.52 -11.56
C GLN B 273 3.26 -1.06 -12.58
C GLN B 273 3.25 -1.08 -12.57
N HIS B 274 2.53 0.01 -12.28
CA HIS B 274 1.55 0.52 -13.23
C HIS B 274 2.22 0.86 -14.57
N HIS B 275 3.38 1.52 -14.52
CA HIS B 275 4.13 1.83 -15.73
C HIS B 275 4.48 0.56 -16.49
N GLU B 276 5.18 -0.36 -15.83
CA GLU B 276 5.62 -1.57 -16.51
C GLU B 276 4.46 -2.33 -17.12
N SER B 277 3.40 -2.55 -16.33
CA SER B 277 2.29 -3.36 -16.83
C SER B 277 1.53 -2.63 -17.93
N SER B 278 1.28 -1.33 -17.77
CA SER B 278 0.45 -0.66 -18.77
C SER B 278 1.18 -0.52 -20.09
N LEU B 279 2.50 -0.31 -20.06
CA LEU B 279 3.23 -0.22 -21.32
C LEU B 279 3.25 -1.57 -22.03
N ARG B 280 3.35 -2.67 -21.29
CA ARG B 280 3.29 -3.98 -21.93
C ARG B 280 1.93 -4.18 -22.59
N VAL B 281 0.85 -3.86 -21.88
CA VAL B 281 -0.48 -4.01 -22.47
C VAL B 281 -0.62 -3.12 -23.69
N ALA B 282 -0.14 -1.87 -23.61
CA ALA B 282 -0.27 -0.96 -24.73
C ALA B 282 0.50 -1.46 -25.94
N GLU B 283 1.71 -1.99 -25.73
CA GLU B 283 2.49 -2.51 -26.85
C GLU B 283 1.77 -3.66 -27.53
N TRP B 284 1.14 -4.53 -26.73
CA TRP B 284 0.39 -5.64 -27.30
C TRP B 284 -0.82 -5.14 -28.07
N LEU B 285 -1.59 -4.22 -27.49
CA LEU B 285 -2.73 -3.66 -28.19
C LEU B 285 -2.31 -3.01 -29.50
N ALA B 286 -1.15 -2.37 -29.51
CA ALA B 286 -0.70 -1.64 -30.69
C ALA B 286 -0.40 -2.57 -31.85
N GLN B 287 -0.20 -3.85 -31.59
CA GLN B 287 0.02 -4.85 -32.61
C GLN B 287 -1.26 -5.62 -32.95
N HIS B 288 -2.38 -5.27 -32.32
CA HIS B 288 -3.51 -6.18 -32.37
C HIS B 288 -4.42 -5.86 -33.55
N PRO B 289 -4.87 -6.90 -34.27
CA PRO B 289 -5.71 -6.65 -35.46
C PRO B 289 -7.06 -6.01 -35.15
N GLN B 290 -7.56 -6.11 -33.94
CA GLN B 290 -8.86 -5.52 -33.60
C GLN B 290 -8.73 -4.13 -32.98
N VAL B 291 -7.54 -3.54 -33.00
CA VAL B 291 -7.29 -2.23 -32.38
C VAL B 291 -6.93 -1.24 -33.47
N ALA B 292 -7.58 -0.07 -33.45
CA ALA B 292 -7.34 0.97 -34.44
C ALA B 292 -6.26 1.97 -34.01
N ARG B 293 -6.23 2.34 -32.74
CA ARG B 293 -5.27 3.30 -32.23
C ARG B 293 -5.10 3.05 -30.74
N VAL B 294 -3.89 3.28 -30.22
CA VAL B 294 -3.61 3.20 -28.79
C VAL B 294 -3.17 4.59 -28.33
N ASN B 295 -3.81 5.08 -27.27
CA ASN B 295 -3.49 6.38 -26.67
C ASN B 295 -2.79 6.09 -25.34
N HIS B 296 -1.47 5.96 -25.38
CA HIS B 296 -0.67 5.78 -24.17
C HIS B 296 0.50 6.75 -24.28
N PRO B 297 0.67 7.68 -23.35
CA PRO B 297 1.75 8.67 -23.49
C PRO B 297 3.13 8.05 -23.65
N ALA B 298 3.36 6.89 -23.03
CA ALA B 298 4.66 6.25 -23.06
C ALA B 298 4.87 5.40 -24.31
N LEU B 299 3.86 5.32 -25.18
CA LEU B 299 3.97 4.49 -26.38
C LEU B 299 4.41 5.35 -27.55
N PRO B 300 5.51 5.05 -28.21
CA PRO B 300 5.89 5.81 -29.41
C PRO B 300 4.75 5.88 -30.40
N GLY B 301 4.48 7.08 -30.91
CA GLY B 301 3.39 7.32 -31.84
C GLY B 301 2.17 7.97 -31.25
N SER B 302 1.97 7.88 -29.94
CA SER B 302 0.80 8.49 -29.31
C SER B 302 0.94 10.01 -29.31
N LYS B 303 -0.18 10.71 -29.31
CA LYS B 303 -0.16 12.16 -29.42
C LYS B 303 0.56 12.80 -28.25
N GLY B 304 1.60 13.58 -28.55
CA GLY B 304 2.39 14.21 -27.53
C GLY B 304 3.40 13.32 -26.86
N HIS B 305 3.60 12.10 -27.35
CA HIS B 305 4.57 11.19 -26.74
C HIS B 305 5.95 11.84 -26.61
N GLU B 306 6.35 12.62 -27.62
CA GLU B 306 7.67 13.24 -27.55
C GLU B 306 7.76 14.18 -26.36
N PHE B 307 6.66 14.83 -25.99
CA PHE B 307 6.67 15.68 -24.81
C PHE B 307 6.68 14.85 -23.53
N TRP B 308 5.98 13.71 -23.53
CA TRP B 308 6.03 12.84 -22.37
C TRP B 308 7.47 12.37 -22.12
N LYS B 309 8.14 11.95 -23.18
CA LYS B 309 9.49 11.43 -23.06
C LYS B 309 10.45 12.49 -22.53
N ARG B 310 10.23 13.74 -22.94
CA ARG B 310 11.14 14.81 -22.52
C ARG B 310 10.81 15.32 -21.13
N ASP B 311 9.52 15.40 -20.77
CA ASP B 311 9.10 16.19 -19.62
C ASP B 311 8.65 15.37 -18.43
N PHE B 312 8.40 14.07 -18.58
CA PHE B 312 7.95 13.22 -17.50
C PHE B 312 9.06 12.26 -17.09
N SER B 313 9.00 11.78 -15.86
CA SER B 313 9.99 10.83 -15.37
C SER B 313 9.47 9.40 -15.36
N GLY B 314 8.26 9.18 -15.87
CA GLY B 314 7.65 7.87 -15.88
C GLY B 314 6.21 7.98 -16.30
N SER B 315 5.53 6.83 -16.26
CA SER B 315 4.13 6.73 -16.62
C SER B 315 3.34 6.11 -15.48
N SER B 316 2.05 6.41 -15.43
CA SER B 316 1.15 5.67 -14.54
C SER B 316 0.47 4.57 -15.36
N GLY B 317 -0.69 4.08 -14.89
CA GLY B 317 -1.32 2.93 -15.49
C GLY B 317 -2.57 3.18 -16.30
N LEU B 318 -2.97 4.43 -16.51
CA LEU B 318 -4.20 4.76 -17.20
C LEU B 318 -3.91 5.12 -18.65
N PHE B 319 -4.61 4.48 -19.57
CA PHE B 319 -4.48 4.81 -20.99
C PHE B 319 -5.75 4.35 -21.69
N SER B 320 -5.80 4.55 -23.01
CA SER B 320 -6.99 4.13 -23.74
C SER B 320 -6.61 3.59 -25.12
N PHE B 321 -7.59 2.97 -25.76
CA PHE B 321 -7.42 2.52 -27.13
C PHE B 321 -8.78 2.60 -27.83
N VAL B 322 -8.71 2.61 -29.16
CA VAL B 322 -9.89 2.72 -30.01
C VAL B 322 -10.08 1.39 -30.73
N LEU B 323 -11.30 0.87 -30.68
CA LEU B 323 -11.63 -0.35 -31.40
C LEU B 323 -11.85 -0.05 -32.88
N ASN B 324 -11.90 -1.12 -33.68
CA ASN B 324 -12.13 -1.02 -35.12
C ASN B 324 -13.56 -0.64 -35.47
N LYS B 325 -14.46 -0.52 -34.50
CA LYS B 325 -15.87 -0.27 -34.79
C LYS B 325 -16.51 0.46 -33.60
N ARG B 326 -17.57 1.20 -33.90
CA ARG B 326 -18.46 1.75 -32.89
C ARG B 326 -19.39 0.63 -32.48
N LEU B 327 -19.12 0.03 -31.32
CA LEU B 327 -19.87 -1.13 -30.87
C LEU B 327 -21.32 -0.76 -30.61
N THR B 328 -22.22 -1.66 -30.96
CA THR B 328 -23.59 -1.54 -30.52
C THR B 328 -23.69 -1.87 -29.04
N ASP B 329 -24.84 -1.49 -28.45
CA ASP B 329 -25.13 -1.88 -27.08
C ASP B 329 -24.95 -3.38 -26.88
N ALA B 330 -25.45 -4.20 -27.81
CA ALA B 330 -25.34 -5.64 -27.63
C ALA B 330 -23.90 -6.11 -27.63
N GLU B 331 -23.09 -5.60 -28.57
CA GLU B 331 -21.68 -5.96 -28.60
C GLU B 331 -20.95 -5.45 -27.36
N LEU B 332 -21.28 -4.23 -26.93
CA LEU B 332 -20.61 -3.67 -25.75
C LEU B 332 -20.92 -4.50 -24.51
N ALA B 333 -22.15 -4.99 -24.38
CA ALA B 333 -22.49 -5.86 -23.26
C ALA B 333 -21.74 -7.18 -23.34
N ALA B 334 -21.71 -7.81 -24.53
CA ALA B 334 -20.96 -9.05 -24.66
C ALA B 334 -19.50 -8.85 -24.29
N TYR B 335 -18.94 -7.71 -24.66
CA TYR B 335 -17.55 -7.39 -24.34
C TYR B 335 -17.37 -7.14 -22.85
N LEU B 336 -18.04 -6.11 -22.32
CA LEU B 336 -17.73 -5.62 -20.98
C LEU B 336 -18.29 -6.52 -19.88
N ASP B 337 -19.47 -7.11 -20.08
CA ASP B 337 -20.14 -7.81 -19.00
C ASP B 337 -19.36 -9.04 -18.56
N ASN B 338 -18.50 -9.58 -19.42
CA ASN B 338 -17.91 -10.88 -19.22
C ASN B 338 -16.42 -10.84 -18.93
N PHE B 339 -15.87 -9.67 -18.64
CA PHE B 339 -14.51 -9.62 -18.14
C PHE B 339 -14.44 -10.25 -16.75
N SER B 340 -13.31 -10.90 -16.47
CA SER B 340 -13.07 -11.54 -15.18
C SER B 340 -12.26 -10.68 -14.23
N LEU B 341 -11.32 -9.91 -14.75
CA LEU B 341 -10.40 -9.12 -13.94
C LEU B 341 -10.66 -7.63 -14.07
N PHE B 342 -10.78 -7.11 -15.28
CA PHE B 342 -11.15 -5.71 -15.42
C PHE B 342 -12.58 -5.54 -14.94
N SER B 343 -12.80 -4.54 -14.09
CA SER B 343 -14.14 -4.22 -13.62
C SER B 343 -14.61 -2.91 -14.20
N MET B 344 -15.92 -2.83 -14.47
N MET B 344 -15.92 -2.84 -14.47
CA MET B 344 -16.52 -1.60 -14.98
CA MET B 344 -16.54 -1.61 -14.97
C MET B 344 -16.78 -0.65 -13.82
C MET B 344 -16.77 -0.66 -13.80
N ALA B 345 -16.15 0.52 -13.85
CA ALA B 345 -16.34 1.52 -12.82
C ALA B 345 -15.74 2.82 -13.34
N TYR B 346 -16.19 3.92 -12.76
CA TYR B 346 -15.49 5.19 -12.90
C TYR B 346 -14.34 5.25 -11.92
N SER B 347 -13.55 6.31 -12.04
CA SER B 347 -12.31 6.54 -11.30
C SER B 347 -11.23 5.56 -11.75
N TRP B 348 -10.07 5.62 -11.11
CA TRP B 348 -8.88 4.89 -11.49
C TRP B 348 -7.79 5.20 -10.47
N GLY B 349 -6.60 4.62 -10.64
CA GLY B 349 -5.50 4.90 -9.74
C GLY B 349 -5.36 3.94 -8.59
N GLY B 350 -6.17 2.90 -8.53
CA GLY B 350 -6.12 1.94 -7.47
C GLY B 350 -5.35 0.69 -7.82
N PHE B 351 -5.52 -0.34 -7.01
CA PHE B 351 -4.83 -1.59 -7.24
C PHE B 351 -5.55 -2.49 -8.23
N GLU B 352 -6.84 -2.26 -8.47
CA GLU B 352 -7.62 -3.09 -9.40
C GLU B 352 -7.60 -2.51 -10.80
N SER B 353 -7.62 -3.39 -11.79
CA SER B 353 -7.76 -2.96 -13.17
C SER B 353 -9.22 -2.64 -13.47
N LEU B 354 -9.44 -1.55 -14.20
CA LEU B 354 -10.78 -1.09 -14.52
C LEU B 354 -10.90 -0.82 -16.01
N ILE B 355 -12.15 -0.83 -16.48
CA ILE B 355 -12.45 -0.68 -17.90
C ILE B 355 -13.68 0.22 -18.05
N LEU B 356 -13.63 1.10 -19.04
CA LEU B 356 -14.69 2.07 -19.29
C LEU B 356 -14.77 2.30 -20.80
N ALA B 357 -15.98 2.30 -21.34
CA ALA B 357 -16.16 2.58 -22.76
C ALA B 357 -16.76 3.96 -22.96
N ASN B 358 -16.36 4.60 -24.07
CA ASN B 358 -16.90 5.89 -24.46
C ASN B 358 -17.16 5.83 -25.96
N GLN B 359 -18.36 6.11 -26.36
CA GLN B 359 -18.62 6.13 -27.79
C GLN B 359 -18.04 7.41 -28.38
N PRO B 360 -17.45 7.33 -29.59
CA PRO B 360 -16.74 8.50 -30.14
C PRO B 360 -17.61 9.74 -30.18
N GLU B 361 -18.92 9.58 -30.36
CA GLU B 361 -19.81 10.75 -30.36
C GLU B 361 -19.88 11.38 -28.98
N HIS B 362 -19.88 10.57 -27.91
CA HIS B 362 -19.89 11.14 -26.57
C HIS B 362 -18.59 11.88 -26.28
N ILE B 363 -17.49 11.43 -26.86
CA ILE B 363 -16.24 12.17 -26.75
C ILE B 363 -16.35 13.50 -27.47
N ALA B 364 -16.87 13.49 -28.70
CA ALA B 364 -17.04 14.76 -29.42
C ALA B 364 -17.83 15.76 -28.58
N ALA B 365 -18.85 15.27 -27.87
CA ALA B 365 -19.67 16.14 -27.03
C ALA B 365 -18.90 16.73 -25.85
N ILE B 366 -17.83 16.08 -25.39
CA ILE B 366 -17.01 16.67 -24.34
C ILE B 366 -15.69 17.20 -24.92
N ARG B 367 -15.70 17.55 -26.19
CA ARG B 367 -14.53 18.11 -26.88
C ARG B 367 -14.98 19.43 -27.49
N PRO B 368 -15.15 20.46 -26.68
CA PRO B 368 -15.74 21.72 -27.18
C PRO B 368 -14.91 22.33 -28.29
N GLU B 369 -15.59 22.74 -29.36
CA GLU B 369 -14.98 23.42 -30.51
C GLU B 369 -13.95 22.56 -31.21
N ALA B 370 -14.03 21.25 -31.02
CA ALA B 370 -13.19 20.29 -31.70
C ALA B 370 -14.08 19.21 -32.29
N GLU B 371 -13.49 18.39 -33.16
CA GLU B 371 -14.10 17.14 -33.60
C GLU B 371 -13.12 16.02 -33.31
N VAL B 372 -13.64 14.85 -32.94
CA VAL B 372 -12.75 13.71 -32.73
C VAL B 372 -12.32 13.18 -34.10
N ASP B 373 -11.09 12.64 -34.15
CA ASP B 373 -10.56 12.07 -35.37
C ASP B 373 -10.60 10.55 -35.35
N PHE B 374 -11.57 9.97 -34.63
CA PHE B 374 -11.81 8.55 -34.61
C PHE B 374 -13.30 8.30 -34.52
N SER B 375 -13.73 7.13 -35.03
CA SER B 375 -15.13 6.78 -35.03
C SER B 375 -15.42 5.47 -34.31
N GLY B 376 -14.40 4.76 -33.84
CA GLY B 376 -14.63 3.54 -33.10
C GLY B 376 -14.90 3.79 -31.64
N THR B 377 -15.39 2.76 -30.94
CA THR B 377 -15.57 2.86 -29.50
C THR B 377 -14.22 2.99 -28.82
N LEU B 378 -14.09 3.95 -27.92
CA LEU B 378 -12.87 4.14 -27.16
C LEU B 378 -12.98 3.39 -25.84
N ILE B 379 -11.98 2.56 -25.55
CA ILE B 379 -11.90 1.81 -24.31
C ILE B 379 -10.80 2.42 -23.47
N ARG B 380 -11.14 2.89 -22.27
CA ARG B 380 -10.14 3.36 -21.33
C ARG B 380 -9.85 2.27 -20.30
N LEU B 381 -8.56 1.93 -20.16
CA LEU B 381 -8.11 0.92 -19.21
C LEU B 381 -7.32 1.57 -18.10
N HIS B 382 -7.63 1.19 -16.87
CA HIS B 382 -6.69 1.38 -15.78
C HIS B 382 -6.02 0.03 -15.50
N ILE B 383 -4.70 -0.02 -15.63
CA ILE B 383 -3.96 -1.24 -15.41
C ILE B 383 -3.50 -1.24 -13.95
N GLY B 384 -4.04 -2.17 -13.17
CA GLY B 384 -3.74 -2.31 -11.76
C GLY B 384 -2.58 -3.25 -11.50
N LEU B 385 -2.61 -3.91 -10.35
CA LEU B 385 -1.49 -4.66 -9.83
C LEU B 385 -1.61 -6.17 -10.07
N GLU B 386 -2.59 -6.60 -10.84
CA GLU B 386 -2.72 -8.02 -11.16
C GLU B 386 -1.57 -8.48 -12.07
N ASN B 387 -1.42 -9.79 -12.16
N ASN B 387 -1.40 -9.79 -12.15
CA ASN B 387 -0.44 -10.36 -13.07
CA ASN B 387 -0.41 -10.35 -13.07
C ASN B 387 -0.75 -9.94 -14.51
C ASN B 387 -0.75 -9.93 -14.49
N VAL B 388 0.25 -9.38 -15.19
CA VAL B 388 -0.02 -8.76 -16.49
C VAL B 388 -0.46 -9.80 -17.50
N ASP B 389 0.04 -11.03 -17.41
CA ASP B 389 -0.37 -12.05 -18.37
C ASP B 389 -1.85 -12.40 -18.19
N ASP B 390 -2.34 -12.39 -16.95
CA ASP B 390 -3.75 -12.59 -16.69
C ASP B 390 -4.59 -11.46 -17.29
N LEU B 391 -4.11 -10.22 -17.15
CA LEU B 391 -4.83 -9.10 -17.75
C LEU B 391 -4.86 -9.23 -19.26
N LEU B 392 -3.74 -9.60 -19.88
CA LEU B 392 -3.73 -9.80 -21.33
C LEU B 392 -4.71 -10.89 -21.74
N ALA B 393 -4.76 -11.99 -20.98
CA ALA B 393 -5.71 -13.06 -21.30
C ALA B 393 -7.15 -12.56 -21.20
N ASP B 394 -7.44 -11.73 -20.20
CA ASP B 394 -8.78 -11.17 -20.06
C ASP B 394 -9.13 -10.30 -21.26
N LEU B 395 -8.19 -9.46 -21.69
CA LEU B 395 -8.41 -8.64 -22.89
C LEU B 395 -8.60 -9.52 -24.12
N ALA B 396 -7.80 -10.57 -24.27
CA ALA B 396 -7.92 -11.43 -25.44
C ALA B 396 -9.29 -12.10 -25.48
N ALA B 397 -9.78 -12.56 -24.33
CA ALA B 397 -11.11 -13.17 -24.30
C ALA B 397 -12.18 -12.15 -24.69
N GLY B 398 -12.02 -10.90 -24.25
CA GLY B 398 -12.93 -9.85 -24.69
C GLY B 398 -12.91 -9.66 -26.20
N PHE B 399 -11.72 -9.61 -26.80
CA PHE B 399 -11.65 -9.50 -28.25
C PHE B 399 -12.38 -10.65 -28.94
N ALA B 400 -12.25 -11.87 -28.41
CA ALA B 400 -12.89 -13.02 -29.02
C ALA B 400 -14.41 -12.95 -28.93
N ARG B 401 -14.95 -12.22 -27.96
CA ARG B 401 -16.39 -12.09 -27.83
C ARG B 401 -16.98 -11.12 -28.83
N ILE B 402 -16.16 -10.30 -29.47
CA ILE B 402 -16.62 -9.29 -30.42
C ILE B 402 -16.05 -9.46 -31.81
N VAL B 403 -15.25 -10.50 -32.05
CA VAL B 403 -14.59 -10.66 -33.34
C VAL B 403 -15.65 -11.10 -34.35
N1 PLP C . 5.75 -13.46 15.29
C2 PLP C . 6.84 -12.89 14.69
C2A PLP C . 7.74 -13.71 13.81
C3 PLP C . 7.12 -11.54 14.90
O3 PLP C . 8.22 -10.95 14.33
C4 PLP C . 6.30 -10.79 15.72
C4A PLP C . 6.41 -9.32 15.61
C5 PLP C . 5.18 -11.36 16.31
C6 PLP C . 4.91 -12.71 16.10
C5A PLP C . 4.28 -10.55 17.23
O4P PLP C . 3.23 -9.87 16.58
P PLP C . 2.58 -8.56 17.25
O1P PLP C . 1.95 -8.95 18.56
O2P PLP C . 1.55 -8.04 16.27
O3P PLP C . 3.67 -7.53 17.46
C1 MLI D . 3.51 -9.06 17.36
C2 MLI D . 2.95 -8.70 18.73
C3 MLI D . 2.71 -8.42 16.21
O6 MLI D . 1.94 -9.32 19.10
O7 MLI D . 3.55 -7.81 19.37
O8 MLI D . 1.46 -8.59 16.20
O9 MLI D . 3.38 -7.80 15.39
MG MG E . 21.00 -19.99 25.76
CL CL F . 10.59 -6.62 16.94
CL CL G . 0.40 -38.91 16.94
C1 MPD H . -19.86 -25.75 16.65
C2 MPD H . -20.52 -24.74 15.70
O2 MPD H . -20.31 -23.47 16.30
CM MPD H . -22.02 -25.04 15.62
C3 MPD H . -19.80 -24.77 14.34
C4 MPD H . -20.27 -25.75 13.28
O4 MPD H . -19.99 -25.15 12.01
C5 MPD H . -19.59 -27.11 13.40
C1 MPD I . 6.07 -13.68 -5.07
C2 MPD I . 6.09 -12.16 -5.09
O2 MPD I . 4.81 -11.70 -4.65
CM MPD I . 6.30 -11.67 -6.53
C3 MPD I . 7.20 -11.65 -4.18
C4 MPD I . 8.61 -12.17 -4.45
O4 MPD I . 8.90 -11.99 -5.82
C5 MPD I . 9.60 -11.46 -3.52
C1 MPD J . -16.32 -16.68 6.56
C2 MPD J . -15.99 -18.16 6.64
O2 MPD J . -17.11 -18.83 6.10
CM MPD J . -15.81 -18.56 8.12
C3 MPD J . -14.74 -18.44 5.81
C4 MPD J . -14.22 -19.89 5.72
O4 MPD J . -13.62 -20.26 6.94
C5 MPD J . -15.35 -20.86 5.36
C1 MPD K . 9.16 -7.28 20.46
C2 MPD K . 8.82 -6.82 21.86
O2 MPD K . 7.61 -7.45 22.24
CM MPD K . 8.67 -5.28 21.86
C3 MPD K . 9.96 -7.25 22.80
C4 MPD K . 10.25 -8.76 22.81
O4 MPD K . 11.32 -8.97 21.88
C5 MPD K . 10.59 -9.26 24.20
P PO4 L . -4.08 35.23 7.43
O1 PO4 L . -5.09 34.09 7.83
O2 PO4 L . -4.43 36.52 8.24
O3 PO4 L . -4.21 35.53 5.90
O4 PO4 L . -2.61 34.79 7.73
N1 PLP M . -9.21 15.38 -12.38
C2 PLP M . -8.99 14.22 -13.09
C2A PLP M . -7.94 14.19 -14.16
C3 PLP M . -9.74 13.09 -12.82
O3 PLP M . -9.54 11.93 -13.52
C4 PLP M . -10.72 13.11 -11.83
C4A PLP M . -11.13 11.79 -11.26
C5 PLP M . -10.93 14.28 -11.11
C6 PLP M . -10.18 15.42 -11.40
C5A PLP M . -11.99 14.35 -10.04
O4P PLP M . -11.62 13.60 -8.90
P PLP M . -12.74 13.23 -7.83
O1P PLP M . -13.81 14.31 -7.86
O2P PLP M . -12.08 13.16 -6.48
O3P PLP M . -13.33 11.91 -8.25
C1 MLI N . -12.62 13.38 -8.77
C2 MLI N . -14.01 13.80 -8.29
C3 MLI N . -11.77 12.58 -7.75
O6 MLI N . -14.95 13.06 -8.64
O7 MLI N . -14.12 14.82 -7.58
O8 MLI N . -11.62 13.12 -6.63
O9 MLI N . -11.28 11.48 -8.10
MG MG O . -16.88 18.32 -30.27
CL CL P . -13.52 8.44 -14.35
CL CL Q . -11.79 34.14 23.79
C1 MPD R . 8.59 6.74 -8.60
C2 MPD R . 9.12 6.43 -10.00
O2 MPD R . 10.09 5.40 -9.84
CM MPD R . 9.78 7.70 -10.57
C3 MPD R . 7.95 5.96 -10.87
C4 MPD R . 8.24 5.77 -12.36
O4 MPD R . 9.40 4.95 -12.47
C5 MPD R . 7.04 5.19 -13.09
C1 MPD S . 2.04 25.54 7.42
C2 MPD S . 2.54 24.12 7.23
O2 MPD S . 1.64 23.28 7.94
CM MPD S . 3.97 24.02 7.81
C3 MPD S . 2.48 23.80 5.72
C4 MPD S . 3.39 24.64 4.82
O4 MPD S . 4.20 23.73 4.07
C5 MPD S . 2.60 25.56 3.91
C1 MPD T . -18.45 12.53 -12.56
C2 MPD T . -18.32 11.20 -13.29
O2 MPD T . -19.15 10.27 -12.62
CM MPD T . -16.85 10.74 -13.23
C3 MPD T . -18.80 11.36 -14.73
C4 MPD T . -18.16 12.46 -15.58
O4 MPD T . -17.45 11.83 -16.64
C5 MPD T . -19.19 13.45 -16.11
#